data_3RBF
#
_entry.id   3RBF
#
_cell.length_a   175.840
_cell.length_b   175.840
_cell.length_c   74.960
_cell.angle_alpha   90.000
_cell.angle_beta   90.000
_cell.angle_gamma   90.000
#
_symmetry.space_group_name_H-M   'P 41 21 2'
#
loop_
_entity.id
_entity.type
_entity.pdbx_description
1 polymer 'Aromatic-L-amino-acid decarboxylase'
2 non-polymer "PYRIDOXAL-5'-PHOSPHATE"
3 non-polymer 'CHLORIDE ION'
#
_entity_poly.entity_id   1
_entity_poly.type   'polypeptide(L)'
_entity_poly.pdbx_seq_one_letter_code
;MNASEFRRRGKEMVDYVANYMEGIEGRQVYPDVEPGYLRPLIPAAAPQEPDTFEDIINDVEKIIMPGVTHWHSPYFFAYF
PTASSYPAMLADMLCGAIGCIGFSWAASPACTELETVMMDWLGKMLELPKAFLNEKAGEGGGVIQGSASEATLVALLAAR
TKVIHRLQAASPELTQAAIMEKLVAYSSDQAHSSVERAGLIGGVKLKAIPSDGNFAMRASALQEALERDKAAGLIPFFMV
ATLGTTTCCSFDNLLEVGPICNKEDIWLHVDAAYAGSAFICPEFRHLLNGVEFADSFNFNPHKWLLVNFDCSAMWVKKRT
DLTGAFRLDPTYLKHSHQDSGLITDYRHWQIPLGRRFRSLKMWFVFRMYGVKGLQAYIRKHVQLSHEFESLVRQDPRFEI
CVEVILGLVCFRLKGSNKVNEALLQRINSAKKIHLVPCHLRDKFVLRFAICSRTVESAHVQRAWEHIKELAADVLRAERE
;
_entity_poly.pdbx_strand_id   A,B
#
loop_
_chem_comp.id
_chem_comp.type
_chem_comp.name
_chem_comp.formula
CL non-polymer 'CHLORIDE ION' 'Cl -1'
PLP non-polymer PYRIDOXAL-5'-PHOSPHATE 'C8 H10 N O6 P'
#
# COMPACT_ATOMS: atom_id res chain seq x y z
N MET A 1 8.62 20.81 -9.48
CA MET A 1 8.39 21.93 -10.43
C MET A 1 7.32 22.84 -9.81
N ASN A 2 6.82 23.81 -10.58
CA ASN A 2 5.65 24.60 -10.13
C ASN A 2 4.33 24.26 -10.84
N ALA A 3 3.26 24.94 -10.45
CA ALA A 3 1.91 24.67 -10.92
C ALA A 3 1.78 24.81 -12.43
N SER A 4 2.25 25.93 -12.96
CA SER A 4 2.08 26.18 -14.39
C SER A 4 2.86 25.16 -15.20
N GLU A 5 3.96 24.66 -14.67
CA GLU A 5 4.73 23.60 -15.35
C GLU A 5 3.99 22.26 -15.32
N PHE A 6 3.32 21.96 -14.20
CA PHE A 6 2.50 20.76 -14.07
C PHE A 6 1.38 20.75 -15.11
N ARG A 7 0.77 21.92 -15.32
CA ARG A 7 -0.22 22.09 -16.39
C ARG A 7 0.30 21.61 -17.73
N ARG A 8 1.41 22.19 -18.20
CA ARG A 8 1.96 21.81 -19.49
C ARG A 8 2.23 20.30 -19.48
N ARG A 9 3.00 19.85 -18.50
CA ARG A 9 3.49 18.48 -18.50
C ARG A 9 2.48 17.44 -18.00
N GLY A 10 1.50 17.88 -17.21
CA GLY A 10 0.40 17.02 -16.83
C GLY A 10 -0.43 16.64 -18.04
N LYS A 11 -0.62 17.60 -18.94
CA LYS A 11 -1.43 17.37 -20.11
C LYS A 11 -0.67 16.56 -21.15
N GLU A 12 0.65 16.73 -21.21
CA GLU A 12 1.45 15.96 -22.14
C GLU A 12 1.42 14.49 -21.74
N MET A 13 1.42 14.24 -20.43
CA MET A 13 1.32 12.89 -19.87
C MET A 13 -0.04 12.24 -20.14
N VAL A 14 -1.11 13.03 -20.03
CA VAL A 14 -2.46 12.62 -20.39
C VAL A 14 -2.56 12.11 -21.83
N ASP A 15 -1.88 12.77 -22.76
CA ASP A 15 -1.85 12.28 -24.12
C ASP A 15 -1.04 11.01 -24.22
N TYR A 16 0.21 11.06 -23.76
CA TYR A 16 1.08 9.89 -23.78
C TYR A 16 0.34 8.65 -23.34
N VAL A 17 -0.42 8.78 -22.25
CA VAL A 17 -1.14 7.64 -21.70
C VAL A 17 -2.27 7.15 -22.61
N ALA A 18 -3.04 8.07 -23.20
CA ALA A 18 -4.06 7.70 -24.17
C ALA A 18 -3.44 7.01 -25.37
N ASN A 19 -2.35 7.56 -25.89
CA ASN A 19 -1.59 6.92 -26.94
C ASN A 19 -1.23 5.48 -26.63
N TYR A 20 -0.68 5.28 -25.43
CA TYR A 20 -0.33 3.96 -24.95
C TYR A 20 -1.53 3.02 -24.97
N MET A 21 -2.64 3.48 -24.42
CA MET A 21 -3.86 2.69 -24.37
C MET A 21 -4.46 2.45 -25.76
N GLU A 22 -4.35 3.41 -26.66
CA GLU A 22 -4.86 3.18 -28.01
C GLU A 22 -4.00 2.18 -28.80
N GLY A 23 -2.69 2.20 -28.57
CA GLY A 23 -1.79 1.37 -29.34
C GLY A 23 -1.47 0.05 -28.68
N ILE A 24 -2.23 -0.30 -27.67
CA ILE A 24 -1.80 -1.37 -26.78
C ILE A 24 -1.87 -2.76 -27.41
N GLU A 25 -2.55 -2.87 -28.54
CA GLU A 25 -2.57 -4.12 -29.31
C GLU A 25 -1.20 -4.37 -29.93
N GLY A 26 -0.48 -3.30 -30.23
CA GLY A 26 0.82 -3.42 -30.88
C GLY A 26 1.81 -4.09 -29.96
N ARG A 27 1.81 -3.67 -28.70
CA ARG A 27 2.73 -4.20 -27.70
C ARG A 27 2.66 -5.72 -27.63
N GLN A 28 3.79 -6.35 -27.42
CA GLN A 28 3.80 -7.73 -26.97
C GLN A 28 3.62 -7.71 -25.47
N VAL A 29 2.61 -8.43 -24.99
CA VAL A 29 2.26 -8.42 -23.58
C VAL A 29 3.50 -8.56 -22.67
N TYR A 30 4.24 -9.64 -22.86
CA TYR A 30 5.36 -9.97 -21.99
C TYR A 30 6.61 -9.40 -22.58
N PRO A 31 7.42 -8.73 -21.73
CA PRO A 31 8.66 -8.12 -22.18
C PRO A 31 9.67 -9.19 -22.47
N ASP A 32 10.41 -9.03 -23.56
CA ASP A 32 11.52 -9.91 -23.83
C ASP A 32 12.78 -9.08 -23.92
N VAL A 33 13.36 -8.86 -22.74
CA VAL A 33 14.55 -8.07 -22.63
C VAL A 33 15.54 -8.88 -21.80
N GLU A 34 16.81 -8.75 -22.15
CA GLU A 34 17.88 -9.45 -21.47
C GLU A 34 18.23 -8.75 -20.14
N PRO A 35 18.31 -9.54 -19.04
CA PRO A 35 18.78 -9.08 -17.75
C PRO A 35 19.89 -8.04 -17.87
N GLY A 36 19.75 -6.93 -17.17
CA GLY A 36 20.79 -5.91 -17.11
C GLY A 36 20.80 -4.89 -18.24
N TYR A 37 19.75 -4.86 -19.05
CA TYR A 37 19.67 -3.97 -20.23
C TYR A 37 19.50 -2.52 -19.87
N LEU A 38 18.93 -2.25 -18.70
CA LEU A 38 18.52 -0.90 -18.36
C LEU A 38 19.70 -0.03 -18.02
N ARG A 39 20.59 -0.55 -17.19
CA ARG A 39 21.67 0.28 -16.64
C ARG A 39 22.49 1.03 -17.68
N PRO A 40 22.94 0.35 -18.75
CA PRO A 40 23.75 1.13 -19.67
C PRO A 40 22.97 2.28 -20.30
N LEU A 41 21.64 2.27 -20.16
CA LEU A 41 20.80 3.30 -20.78
C LEU A 41 20.51 4.51 -19.89
N ILE A 42 20.84 4.39 -18.60
CA ILE A 42 20.65 5.45 -17.61
C ILE A 42 21.99 5.99 -17.13
N PRO A 43 22.15 7.31 -17.00
CA PRO A 43 23.42 7.87 -16.53
C PRO A 43 23.85 7.39 -15.14
N ALA A 44 25.15 7.43 -14.87
CA ALA A 44 25.73 6.94 -13.61
C ALA A 44 25.28 7.71 -12.38
N ALA A 45 25.00 8.99 -12.53
CA ALA A 45 24.51 9.84 -11.45
C ALA A 45 23.26 10.64 -11.83
N ALA A 46 22.56 11.16 -10.81
CA ALA A 46 21.45 12.06 -11.05
C ALA A 46 21.94 13.31 -11.79
N PRO A 47 21.07 13.93 -12.62
CA PRO A 47 21.51 15.17 -13.24
C PRO A 47 21.57 16.28 -12.22
N GLN A 48 22.51 17.21 -12.39
CA GLN A 48 22.63 18.35 -11.51
C GLN A 48 21.52 19.36 -11.75
N GLU A 49 21.29 19.69 -13.01
CA GLU A 49 20.15 20.53 -13.38
C GLU A 49 19.04 19.64 -13.92
N PRO A 50 17.81 20.15 -13.96
CA PRO A 50 16.67 19.34 -14.44
C PRO A 50 16.81 18.91 -15.91
N ASP A 51 16.33 17.72 -16.24
CA ASP A 51 16.20 17.29 -17.64
C ASP A 51 14.90 17.78 -18.27
N THR A 52 14.75 17.54 -19.56
CA THR A 52 13.55 17.96 -20.23
C THR A 52 12.49 16.89 -20.10
N PHE A 53 11.24 17.33 -20.15
CA PHE A 53 10.14 16.40 -20.12
C PHE A 53 10.14 15.57 -21.41
N GLU A 54 10.44 16.23 -22.52
CA GLU A 54 10.61 15.53 -23.79
C GLU A 54 11.61 14.38 -23.65
N ASP A 55 12.79 14.65 -23.13
CA ASP A 55 13.81 13.62 -22.88
C ASP A 55 13.41 12.54 -21.87
N ILE A 56 12.61 12.91 -20.87
CA ILE A 56 12.12 11.96 -19.88
C ILE A 56 11.05 11.03 -20.46
N ILE A 57 10.07 11.58 -21.20
CA ILE A 57 9.07 10.71 -21.88
C ILE A 57 9.68 9.88 -23.01
N ASN A 58 10.61 10.46 -23.75
CA ASN A 58 11.32 9.67 -24.74
C ASN A 58 11.96 8.42 -24.10
N ASP A 59 12.58 8.61 -22.94
CA ASP A 59 13.17 7.50 -22.19
C ASP A 59 12.16 6.45 -21.72
N VAL A 60 10.94 6.87 -21.41
CA VAL A 60 9.90 5.92 -21.07
C VAL A 60 9.62 4.99 -22.25
N GLU A 61 9.47 5.55 -23.45
CA GLU A 61 9.24 4.74 -24.66
C GLU A 61 10.38 3.81 -24.96
N LYS A 62 11.60 4.32 -24.86
CA LYS A 62 12.79 3.57 -25.22
C LYS A 62 13.27 2.66 -24.09
N ILE A 63 13.38 3.20 -22.89
CA ILE A 63 13.97 2.47 -21.78
C ILE A 63 12.98 1.65 -20.96
N ILE A 64 11.80 2.19 -20.71
CA ILE A 64 10.89 1.56 -19.74
C ILE A 64 9.88 0.61 -20.37
N MET A 65 9.20 1.06 -21.42
CA MET A 65 8.27 0.24 -22.18
C MET A 65 8.80 -1.14 -22.59
N PRO A 66 10.04 -1.23 -23.06
CA PRO A 66 10.42 -2.59 -23.40
C PRO A 66 10.52 -3.55 -22.20
N GLY A 67 10.65 -3.02 -20.98
CA GLY A 67 10.82 -3.88 -19.81
C GLY A 67 9.57 -4.10 -18.96
N VAL A 68 8.41 -3.78 -19.51
CA VAL A 68 7.18 -3.85 -18.78
C VAL A 68 6.21 -4.89 -19.34
N THR A 69 5.44 -5.49 -18.45
CA THR A 69 4.35 -6.35 -18.85
C THR A 69 3.06 -5.55 -19.08
N HIS A 70 2.63 -5.54 -20.34
CA HIS A 70 1.46 -4.79 -20.73
C HIS A 70 0.17 -5.52 -20.41
N TRP A 71 -0.22 -5.45 -19.14
CA TRP A 71 -1.34 -6.22 -18.60
C TRP A 71 -2.66 -5.85 -19.25
N HIS A 72 -2.79 -4.59 -19.64
CA HIS A 72 -4.04 -4.11 -20.18
C HIS A 72 -4.30 -4.62 -21.58
N SER A 73 -3.30 -5.22 -22.19
CA SER A 73 -3.49 -5.78 -23.53
C SER A 73 -4.75 -6.65 -23.58
N PRO A 74 -5.54 -6.54 -24.65
CA PRO A 74 -6.68 -7.42 -24.72
C PRO A 74 -6.23 -8.86 -24.85
N TYR A 75 -5.01 -9.08 -25.33
CA TYR A 75 -4.48 -10.42 -25.60
C TYR A 75 -3.92 -11.13 -24.38
N PHE A 76 -3.87 -10.42 -23.26
CA PHE A 76 -3.48 -11.02 -21.99
C PHE A 76 -4.73 -11.65 -21.39
N PHE A 77 -4.93 -12.93 -21.66
CA PHE A 77 -6.18 -13.59 -21.30
C PHE A 77 -6.14 -14.36 -19.99
N ALA A 78 -5.50 -13.77 -18.99
CA ALA A 78 -5.57 -14.23 -17.60
C ALA A 78 -6.08 -13.05 -16.77
N TYR A 79 -6.53 -13.30 -15.53
CA TYR A 79 -6.99 -12.18 -14.70
C TYR A 79 -5.83 -11.23 -14.38
N PHE A 80 -6.11 -9.93 -14.50
CA PHE A 80 -5.12 -8.86 -14.33
C PHE A 80 -5.30 -8.10 -12.99
N PRO A 81 -4.38 -8.35 -12.02
CA PRO A 81 -4.59 -7.90 -10.62
C PRO A 81 -4.96 -6.40 -10.55
N THR A 82 -4.52 -5.63 -11.55
CA THR A 82 -4.96 -4.23 -11.71
C THR A 82 -6.02 -4.09 -12.84
N ALA A 83 -7.26 -3.73 -12.44
CA ALA A 83 -8.28 -3.25 -13.40
C ALA A 83 -8.29 -1.73 -13.49
N SER A 84 -7.60 -1.18 -14.50
CA SER A 84 -7.51 0.28 -14.65
C SER A 84 -8.48 0.79 -15.67
N SER A 85 -9.47 1.53 -15.19
CA SER A 85 -10.33 2.30 -16.05
C SER A 85 -9.94 3.77 -16.00
N TYR A 86 -10.31 4.48 -17.04
CA TYR A 86 -10.11 5.92 -17.12
C TYR A 86 -10.72 6.75 -15.97
N PRO A 87 -11.91 6.43 -15.51
CA PRO A 87 -12.34 7.30 -14.43
C PRO A 87 -11.65 6.96 -13.13
N ALA A 88 -11.14 5.74 -13.04
CA ALA A 88 -10.28 5.36 -11.93
C ALA A 88 -9.03 6.24 -11.94
N MET A 89 -8.41 6.31 -13.11
CA MET A 89 -7.24 7.10 -13.35
C MET A 89 -7.47 8.57 -12.95
N LEU A 90 -8.70 9.05 -13.15
CA LEU A 90 -9.02 10.44 -12.84
C LEU A 90 -9.12 10.68 -11.33
N ALA A 91 -9.71 9.76 -10.60
CA ALA A 91 -9.76 9.94 -9.17
C ALA A 91 -8.37 9.87 -8.54
N ASP A 92 -7.49 9.04 -9.09
CA ASP A 92 -6.13 8.95 -8.58
C ASP A 92 -5.46 10.31 -8.68
N MET A 93 -5.72 11.00 -9.78
CA MET A 93 -5.16 12.31 -9.95
C MET A 93 -5.62 13.19 -8.82
N LEU A 94 -6.86 13.00 -8.40
CA LEU A 94 -7.45 13.82 -7.37
C LEU A 94 -7.04 13.39 -5.96
N CYS A 95 -7.09 12.10 -5.68
CA CYS A 95 -6.55 11.55 -4.43
C CYS A 95 -5.10 11.95 -4.27
N GLY A 96 -4.38 11.98 -5.38
CA GLY A 96 -3.02 12.43 -5.38
C GLY A 96 -2.90 13.81 -4.79
N ALA A 97 -3.75 14.73 -5.24
CA ALA A 97 -3.70 16.13 -4.82
C ALA A 97 -4.21 16.42 -3.40
N ILE A 98 -5.24 15.72 -2.95
CA ILE A 98 -5.65 15.76 -1.56
C ILE A 98 -5.04 14.57 -0.85
N GLY A 99 -3.78 14.64 -0.45
CA GLY A 99 -3.14 13.47 0.14
C GLY A 99 -4.00 12.81 1.21
N CYS A 100 -4.33 11.52 1.04
CA CYS A 100 -5.11 10.79 2.06
C CYS A 100 -4.47 9.49 2.57
N ILE A 101 -4.36 9.38 3.90
CA ILE A 101 -3.96 8.19 4.67
C ILE A 101 -3.61 8.63 6.09
N ALA A 107 -9.70 10.82 9.87
CA ALA A 107 -9.27 12.19 10.21
C ALA A 107 -10.16 13.23 9.50
N SER A 108 -10.63 12.86 8.32
CA SER A 108 -11.42 13.75 7.47
C SER A 108 -12.81 13.16 7.25
N PRO A 109 -13.84 13.90 7.70
CA PRO A 109 -15.24 13.51 7.63
C PRO A 109 -15.68 12.89 6.32
N ALA A 110 -14.99 13.19 5.22
CA ALA A 110 -15.42 12.73 3.90
C ALA A 110 -14.82 11.40 3.44
N CYS A 111 -13.67 11.00 3.98
CA CYS A 111 -13.18 9.61 3.83
C CYS A 111 -14.28 8.71 4.35
N THR A 112 -14.54 8.78 5.66
CA THR A 112 -15.39 7.78 6.33
C THR A 112 -16.82 7.77 5.79
N GLU A 113 -17.36 8.94 5.47
CA GLU A 113 -18.76 9.05 5.07
C GLU A 113 -18.99 8.58 3.64
N LEU A 114 -18.15 9.04 2.71
CA LEU A 114 -18.28 8.60 1.33
C LEU A 114 -18.12 7.10 1.24
N GLU A 115 -17.29 6.54 2.12
CA GLU A 115 -17.19 5.09 2.28
C GLU A 115 -18.52 4.45 2.61
N THR A 116 -19.08 4.79 3.77
CA THR A 116 -20.40 4.27 4.15
C THR A 116 -21.46 4.40 3.05
N VAL A 117 -21.59 5.59 2.46
CA VAL A 117 -22.55 5.80 1.38
C VAL A 117 -22.31 4.91 0.15
N MET A 118 -21.06 4.79 -0.27
CA MET A 118 -20.75 4.00 -1.46
C MET A 118 -21.01 2.53 -1.20
N MET A 119 -20.81 2.12 0.05
CA MET A 119 -21.01 0.74 0.45
C MET A 119 -22.49 0.39 0.50
N ASP A 120 -23.33 1.39 0.72
CA ASP A 120 -24.77 1.20 0.60
C ASP A 120 -25.23 1.24 -0.87
N TRP A 121 -24.63 2.13 -1.67
CA TRP A 121 -24.77 2.09 -3.14
C TRP A 121 -24.45 0.70 -3.69
N LEU A 122 -23.23 0.23 -3.48
CA LEU A 122 -22.83 -1.04 -4.05
C LEU A 122 -23.66 -2.18 -3.46
N GLY A 123 -23.98 -2.10 -2.18
CA GLY A 123 -24.85 -3.06 -1.55
C GLY A 123 -26.22 -3.12 -2.19
N LYS A 124 -26.79 -1.94 -2.48
CA LYS A 124 -28.09 -1.87 -3.13
C LYS A 124 -28.03 -2.45 -4.54
N MET A 125 -26.94 -2.16 -5.25
CA MET A 125 -26.73 -2.66 -6.60
C MET A 125 -26.72 -4.17 -6.63
N LEU A 126 -26.10 -4.76 -5.61
CA LEU A 126 -25.96 -6.21 -5.55
C LEU A 126 -27.21 -6.85 -5.02
N GLU A 127 -28.24 -6.03 -4.73
CA GLU A 127 -29.49 -6.46 -4.09
C GLU A 127 -29.26 -7.26 -2.79
N LEU A 128 -28.27 -6.86 -1.99
CA LEU A 128 -28.03 -7.51 -0.71
C LEU A 128 -29.19 -7.28 0.22
N PRO A 129 -29.45 -8.26 1.09
CA PRO A 129 -30.30 -8.12 2.30
C PRO A 129 -30.04 -6.79 3.02
N LYS A 130 -31.12 -6.10 3.42
CA LYS A 130 -31.03 -4.83 4.17
C LYS A 130 -30.13 -4.95 5.40
N ALA A 131 -29.96 -6.16 5.92
CA ALA A 131 -29.20 -6.38 7.15
C ALA A 131 -27.74 -5.98 7.00
N PHE A 132 -27.27 -5.95 5.75
CA PHE A 132 -25.87 -5.61 5.46
C PHE A 132 -25.66 -4.14 5.13
N LEU A 133 -26.75 -3.39 5.04
CA LEU A 133 -26.67 -2.01 4.66
C LEU A 133 -27.01 -1.19 5.89
N ASN A 134 -26.46 0.01 6.01
CA ASN A 134 -26.79 0.79 7.18
C ASN A 134 -27.13 2.22 6.86
N GLU A 135 -28.39 2.41 6.52
CA GLU A 135 -28.91 3.70 6.13
C GLU A 135 -30.28 3.96 6.78
N LYS A 136 -30.98 2.85 7.04
CA LYS A 136 -32.20 2.84 7.85
C LYS A 136 -31.87 2.70 9.34
N ALA A 137 -30.64 3.05 9.73
CA ALA A 137 -30.18 2.90 11.12
C ALA A 137 -29.77 1.46 11.45
N GLY A 138 -29.88 0.58 10.46
CA GLY A 138 -29.53 -0.83 10.62
C GLY A 138 -28.16 -0.98 11.23
N GLU A 139 -27.96 -2.04 12.00
CA GLU A 139 -26.70 -2.20 12.72
C GLU A 139 -25.56 -2.71 11.85
N GLY A 140 -25.89 -3.23 10.66
CA GLY A 140 -24.86 -3.73 9.73
C GLY A 140 -24.15 -2.63 8.95
N GLY A 141 -23.47 -3.01 7.88
CA GLY A 141 -22.81 -2.04 7.02
C GLY A 141 -21.54 -2.56 6.37
N GLY A 142 -20.96 -1.72 5.52
CA GLY A 142 -19.84 -2.13 4.70
C GLY A 142 -18.62 -1.25 4.83
N VAL A 143 -17.46 -1.87 4.74
CA VAL A 143 -16.21 -1.15 4.83
C VAL A 143 -15.35 -1.60 3.61
N ILE A 144 -14.44 -0.74 3.14
CA ILE A 144 -13.57 -1.08 2.03
C ILE A 144 -12.19 -1.48 2.57
N GLN A 145 -11.68 -2.62 2.12
CA GLN A 145 -10.39 -3.14 2.59
C GLN A 145 -9.33 -3.04 1.50
N GLY A 146 -8.08 -3.29 1.87
CA GLY A 146 -6.96 -3.24 0.92
C GLY A 146 -6.94 -4.38 -0.11
N SER A 147 -7.32 -5.58 0.34
CA SER A 147 -7.38 -6.77 -0.52
C SER A 147 -8.30 -7.81 0.11
N ALA A 148 -8.86 -8.70 -0.71
CA ALA A 148 -9.62 -9.83 -0.20
C ALA A 148 -8.81 -10.64 0.83
N SER A 149 -7.50 -10.76 0.59
CA SER A 149 -6.65 -11.46 1.53
C SER A 149 -6.74 -10.85 2.91
N GLU A 150 -6.70 -9.53 2.97
CA GLU A 150 -6.89 -8.81 4.21
C GLU A 150 -8.32 -8.89 4.75
N ALA A 151 -9.31 -8.86 3.87
CA ALA A 151 -10.72 -8.90 4.28
C ALA A 151 -11.05 -10.23 4.91
N THR A 152 -10.46 -11.29 4.38
CA THR A 152 -10.69 -12.62 4.88
C THR A 152 -10.03 -12.78 6.25
N LEU A 153 -8.88 -12.15 6.44
CA LEU A 153 -8.20 -12.23 7.71
C LEU A 153 -8.95 -11.45 8.79
N VAL A 154 -9.43 -10.26 8.42
CA VAL A 154 -10.21 -9.44 9.35
C VAL A 154 -11.48 -10.15 9.82
N ALA A 155 -12.01 -11.03 8.95
CA ALA A 155 -13.21 -11.78 9.25
C ALA A 155 -12.86 -12.94 10.18
N LEU A 156 -11.81 -13.67 9.83
CA LEU A 156 -11.38 -14.77 10.67
C LEU A 156 -11.13 -14.23 12.06
N LEU A 157 -10.26 -13.24 12.19
CA LEU A 157 -9.94 -12.69 13.50
C LEU A 157 -11.18 -12.25 14.26
N ALA A 158 -12.20 -11.81 13.53
CA ALA A 158 -13.44 -11.28 14.12
C ALA A 158 -14.20 -12.40 14.78
N ALA A 159 -14.21 -13.54 14.08
CA ALA A 159 -14.84 -14.76 14.52
C ALA A 159 -14.11 -15.36 15.70
N ARG A 160 -12.78 -15.35 15.65
CA ARG A 160 -11.94 -15.90 16.70
C ARG A 160 -12.21 -15.18 18.03
N THR A 161 -12.32 -13.86 17.96
CA THR A 161 -12.63 -13.03 19.10
C THR A 161 -14.04 -13.36 19.61
N LYS A 162 -15.00 -13.36 18.70
CA LYS A 162 -16.37 -13.68 19.05
C LYS A 162 -16.41 -14.99 19.83
N VAL A 163 -15.85 -16.04 19.23
CA VAL A 163 -15.91 -17.39 19.78
C VAL A 163 -15.15 -17.52 21.10
N ILE A 164 -14.09 -16.74 21.25
CA ILE A 164 -13.30 -16.77 22.48
C ILE A 164 -14.04 -16.05 23.59
N HIS A 165 -14.61 -14.89 23.26
CA HIS A 165 -15.43 -14.16 24.22
C HIS A 165 -16.62 -15.03 24.62
N ARG A 166 -17.16 -15.82 23.69
CA ARG A 166 -18.35 -16.62 23.97
C ARG A 166 -18.14 -17.81 24.92
N LEU A 167 -17.20 -18.68 24.59
CA LEU A 167 -16.84 -19.83 25.45
C LEU A 167 -16.35 -19.42 26.85
N GLN A 168 -15.64 -18.29 26.91
CA GLN A 168 -15.19 -17.74 28.19
C GLN A 168 -16.29 -17.06 29.02
N ALA A 169 -17.33 -16.58 28.35
CA ALA A 169 -18.54 -16.13 29.03
C ALA A 169 -19.21 -17.30 29.73
N ALA A 170 -19.19 -18.46 29.07
CA ALA A 170 -19.74 -19.68 29.66
C ALA A 170 -18.79 -20.30 30.69
N SER A 171 -17.49 -20.36 30.38
CA SER A 171 -16.51 -20.92 31.32
C SER A 171 -15.35 -19.95 31.64
N PRO A 172 -15.47 -19.20 32.76
CA PRO A 172 -14.43 -18.25 33.16
C PRO A 172 -13.07 -18.89 33.49
N GLU A 173 -13.03 -20.21 33.64
CA GLU A 173 -11.77 -20.91 33.92
C GLU A 173 -10.98 -21.26 32.63
N LEU A 174 -11.62 -21.08 31.48
CA LEU A 174 -11.02 -21.38 30.20
C LEU A 174 -10.09 -20.24 29.77
N THR A 175 -8.88 -20.59 29.33
CA THR A 175 -7.91 -19.59 28.86
C THR A 175 -7.89 -19.43 27.34
N GLN A 176 -7.52 -18.24 26.87
CA GLN A 176 -7.41 -17.99 25.43
C GLN A 176 -6.53 -19.07 24.82
N ALA A 177 -5.48 -19.46 25.53
CA ALA A 177 -4.52 -20.45 25.06
C ALA A 177 -5.17 -21.81 24.82
N ALA A 178 -6.01 -22.25 25.75
CA ALA A 178 -6.60 -23.59 25.70
C ALA A 178 -7.68 -23.71 24.63
N ILE A 179 -8.32 -22.60 24.31
CA ILE A 179 -9.37 -22.55 23.30
C ILE A 179 -8.79 -22.55 21.89
N MET A 180 -7.72 -21.78 21.68
CA MET A 180 -7.05 -21.64 20.40
C MET A 180 -6.56 -22.97 19.86
N GLU A 181 -6.04 -23.81 20.75
CA GLU A 181 -5.60 -25.16 20.41
C GLU A 181 -6.66 -25.94 19.67
N LYS A 182 -7.92 -25.72 20.03
CA LYS A 182 -9.02 -26.54 19.54
C LYS A 182 -9.83 -25.91 18.41
N LEU A 183 -9.48 -24.69 18.02
CA LEU A 183 -10.23 -23.94 17.00
C LEU A 183 -10.00 -24.44 15.54
N VAL A 184 -11.09 -24.74 14.85
CA VAL A 184 -11.07 -25.17 13.45
C VAL A 184 -11.86 -24.22 12.55
N ALA A 185 -11.29 -23.89 11.40
CA ALA A 185 -12.05 -23.26 10.35
C ALA A 185 -11.99 -24.09 9.08
N TYR A 186 -12.85 -23.78 8.13
CA TYR A 186 -13.00 -24.57 6.92
C TYR A 186 -13.22 -23.73 5.66
N SER A 187 -12.93 -24.36 4.52
CA SER A 187 -13.27 -23.80 3.23
C SER A 187 -13.26 -24.92 2.21
N SER A 188 -13.60 -24.59 0.96
CA SER A 188 -13.63 -25.56 -0.13
C SER A 188 -12.23 -26.03 -0.49
N ASP A 189 -12.08 -27.28 -0.92
CA ASP A 189 -10.79 -27.66 -1.48
C ASP A 189 -10.41 -26.79 -2.69
N GLN A 190 -11.33 -25.92 -3.13
CA GLN A 190 -11.06 -24.99 -4.22
C GLN A 190 -10.84 -23.56 -3.74
N ALA A 191 -10.81 -23.36 -2.43
CA ALA A 191 -10.78 -22.00 -1.91
C ALA A 191 -9.42 -21.37 -2.12
N HIS A 192 -9.42 -20.05 -2.32
CA HIS A 192 -8.21 -19.27 -2.53
C HIS A 192 -7.24 -19.29 -1.35
N SER A 193 -5.95 -19.40 -1.70
CA SER A 193 -4.86 -19.43 -0.75
C SER A 193 -5.03 -18.43 0.38
N SER A 194 -5.66 -17.28 0.08
CA SER A 194 -5.79 -16.21 1.07
C SER A 194 -6.30 -16.79 2.40
N VAL A 195 -7.24 -17.74 2.28
CA VAL A 195 -7.77 -18.46 3.43
C VAL A 195 -6.68 -19.17 4.26
N GLU A 196 -5.82 -19.95 3.59
CA GLU A 196 -4.68 -20.60 4.26
C GLU A 196 -3.86 -19.62 5.09
N ARG A 197 -3.56 -18.46 4.51
CA ARG A 197 -2.71 -17.45 5.15
C ARG A 197 -3.42 -16.85 6.38
N ALA A 198 -4.75 -16.69 6.27
CA ALA A 198 -5.55 -16.17 7.38
C ALA A 198 -5.57 -17.09 8.62
N GLY A 199 -5.52 -18.40 8.39
CA GLY A 199 -5.56 -19.36 9.47
C GLY A 199 -4.21 -19.42 10.16
N LEU A 200 -3.17 -19.16 9.38
CA LEU A 200 -1.81 -19.23 9.87
C LEU A 200 -1.49 -18.07 10.82
N ILE A 201 -1.65 -16.84 10.32
CA ILE A 201 -1.64 -15.62 11.13
C ILE A 201 -2.62 -15.71 12.30
N GLY A 202 -3.87 -16.10 12.03
CA GLY A 202 -4.86 -16.28 13.07
C GLY A 202 -4.55 -17.46 13.98
N GLY A 203 -3.60 -18.29 13.53
CA GLY A 203 -3.11 -19.39 14.34
C GLY A 203 -4.16 -20.42 14.70
N VAL A 204 -5.08 -20.70 13.78
CA VAL A 204 -6.05 -21.76 13.98
C VAL A 204 -5.78 -22.88 12.98
N LYS A 205 -6.49 -23.99 13.13
CA LYS A 205 -6.43 -25.06 12.15
C LYS A 205 -7.35 -24.71 11.01
N LEU A 206 -6.90 -24.97 9.80
CA LEU A 206 -7.73 -24.84 8.61
C LEU A 206 -7.95 -26.20 7.95
N LYS A 207 -9.20 -26.54 7.67
CA LYS A 207 -9.47 -27.81 6.99
C LYS A 207 -10.25 -27.63 5.69
N ALA A 208 -9.90 -28.40 4.67
CA ALA A 208 -10.57 -28.31 3.38
C ALA A 208 -11.76 -29.24 3.31
N ILE A 209 -12.87 -28.73 2.80
CA ILE A 209 -14.05 -29.55 2.54
C ILE A 209 -13.96 -30.04 1.10
N PRO A 210 -14.21 -31.36 0.86
CA PRO A 210 -14.17 -31.92 -0.50
C PRO A 210 -15.32 -31.39 -1.36
N SER A 211 -15.00 -30.83 -2.52
CA SER A 211 -16.06 -30.40 -3.43
C SER A 211 -16.64 -31.58 -4.21
N ASP A 212 -17.75 -31.33 -4.90
CA ASP A 212 -18.53 -32.33 -5.61
C ASP A 212 -18.18 -32.32 -7.10
N GLY A 213 -19.01 -33.00 -7.88
CA GLY A 213 -18.87 -33.06 -9.33
C GLY A 213 -18.75 -31.74 -10.05
N ASN A 214 -19.35 -30.69 -9.50
CA ASN A 214 -19.25 -29.32 -10.07
C ASN A 214 -18.39 -28.41 -9.22
N PHE A 215 -17.44 -29.02 -8.49
CA PHE A 215 -16.49 -28.25 -7.67
C PHE A 215 -17.17 -27.30 -6.68
N ALA A 216 -18.38 -27.68 -6.27
CA ALA A 216 -19.11 -26.95 -5.21
C ALA A 216 -18.95 -27.63 -3.83
N MET A 217 -18.91 -26.82 -2.79
CA MET A 217 -19.02 -27.32 -1.44
C MET A 217 -20.47 -27.55 -1.14
N ARG A 218 -20.83 -28.78 -0.77
CA ARG A 218 -22.21 -29.11 -0.44
C ARG A 218 -22.42 -29.38 1.05
N ALA A 219 -23.67 -29.31 1.50
CA ALA A 219 -24.08 -29.72 2.85
C ALA A 219 -23.51 -31.10 3.30
N SER A 220 -23.74 -32.17 2.53
CA SER A 220 -23.27 -33.50 2.93
C SER A 220 -21.87 -33.37 3.51
N ALA A 221 -20.96 -32.86 2.67
CA ALA A 221 -19.52 -33.02 2.90
C ALA A 221 -19.07 -32.17 4.06
N LEU A 222 -19.72 -31.01 4.20
CA LEU A 222 -19.45 -30.05 5.25
C LEU A 222 -19.84 -30.65 6.58
N GLN A 223 -21.07 -31.11 6.64
CA GLN A 223 -21.55 -31.66 7.88
C GLN A 223 -20.74 -32.90 8.25
N GLU A 224 -20.35 -33.71 7.26
CA GLU A 224 -19.47 -34.86 7.54
C GLU A 224 -18.28 -34.34 8.28
N ALA A 225 -17.67 -33.30 7.73
CA ALA A 225 -16.47 -32.70 8.28
C ALA A 225 -16.66 -32.28 9.74
N LEU A 226 -17.71 -31.50 9.97
CA LEU A 226 -17.98 -30.95 11.30
C LEU A 226 -18.08 -32.04 12.38
N GLU A 227 -18.82 -33.12 12.10
CA GLU A 227 -19.02 -34.18 13.09
C GLU A 227 -17.71 -34.88 13.43
N ARG A 228 -16.92 -35.10 12.38
CA ARG A 228 -15.60 -35.72 12.50
C ARG A 228 -14.74 -34.90 13.45
N ASP A 229 -14.84 -33.57 13.31
CA ASP A 229 -14.02 -32.67 14.13
C ASP A 229 -14.58 -32.40 15.52
N LYS A 230 -15.89 -32.30 15.65
CA LYS A 230 -16.48 -32.13 16.97
C LYS A 230 -16.27 -33.38 17.79
N ALA A 231 -16.31 -34.53 17.13
CA ALA A 231 -16.07 -35.81 17.81
C ALA A 231 -14.63 -35.94 18.27
N ALA A 232 -13.72 -35.26 17.60
CA ALA A 232 -12.31 -35.24 17.99
C ALA A 232 -12.09 -34.24 19.12
N GLY A 233 -13.18 -33.58 19.51
CA GLY A 233 -13.13 -32.52 20.50
C GLY A 233 -12.58 -31.20 19.99
N LEU A 234 -12.63 -30.96 18.68
CA LEU A 234 -12.20 -29.66 18.10
C LEU A 234 -13.36 -28.65 18.13
N ILE A 235 -13.08 -27.40 17.76
CA ILE A 235 -14.11 -26.34 17.73
C ILE A 235 -14.17 -25.57 16.39
N PRO A 236 -15.13 -25.91 15.52
CA PRO A 236 -15.46 -25.06 14.38
C PRO A 236 -15.96 -23.66 14.79
N PHE A 237 -15.43 -22.63 14.15
CA PHE A 237 -15.80 -21.27 14.49
C PHE A 237 -15.93 -20.42 13.24
N PHE A 238 -15.34 -20.90 12.16
CA PHE A 238 -15.22 -20.13 10.95
C PHE A 238 -15.35 -20.96 9.69
N MET A 239 -15.95 -20.38 8.68
CA MET A 239 -16.32 -21.12 7.53
C MET A 239 -16.28 -20.17 6.37
N VAL A 240 -15.46 -20.45 5.36
CA VAL A 240 -15.46 -19.63 4.17
C VAL A 240 -16.16 -20.35 3.01
N ALA A 241 -17.21 -19.72 2.48
CA ALA A 241 -17.83 -20.15 1.23
C ALA A 241 -17.39 -19.25 0.07
N THR A 242 -16.95 -19.87 -1.02
CA THR A 242 -16.45 -19.15 -2.19
C THR A 242 -17.50 -19.11 -3.30
N LEU A 243 -17.85 -17.91 -3.75
CA LEU A 243 -18.59 -17.79 -4.98
C LEU A 243 -17.70 -17.39 -6.14
N GLY A 244 -17.32 -18.36 -6.97
CA GLY A 244 -16.46 -18.09 -8.10
C GLY A 244 -15.03 -18.46 -7.81
N THR A 245 -14.73 -19.76 -7.88
CA THR A 245 -13.43 -20.19 -7.45
C THR A 245 -12.35 -19.71 -8.43
N THR A 246 -11.10 -19.65 -7.97
CA THR A 246 -9.96 -19.20 -8.76
C THR A 246 -9.66 -20.16 -9.89
N THR A 247 -10.03 -21.40 -9.66
CA THR A 247 -9.62 -22.52 -10.50
C THR A 247 -10.52 -22.63 -11.72
N CYS A 248 -11.83 -22.68 -11.50
CA CYS A 248 -12.76 -22.98 -12.58
C CYS A 248 -14.03 -22.17 -12.45
N CYS A 249 -14.00 -21.15 -11.60
CA CYS A 249 -15.17 -20.33 -11.34
C CYS A 249 -16.39 -21.18 -10.97
N SER A 250 -16.29 -21.91 -9.87
CA SER A 250 -17.39 -22.76 -9.46
C SER A 250 -18.02 -22.08 -8.28
N PHE A 251 -19.26 -22.43 -7.96
CA PHE A 251 -19.94 -21.71 -6.88
C PHE A 251 -20.37 -22.60 -5.72
N ASP A 252 -19.79 -22.38 -4.53
CA ASP A 252 -20.22 -23.11 -3.31
C ASP A 252 -21.71 -22.92 -3.09
N ASN A 253 -22.41 -24.00 -2.71
CA ASN A 253 -23.86 -23.94 -2.52
C ASN A 253 -24.28 -23.28 -1.21
N LEU A 254 -24.48 -21.97 -1.30
CA LEU A 254 -24.58 -21.10 -0.15
C LEU A 254 -25.88 -21.35 0.64
N LEU A 255 -26.98 -21.53 -0.07
CA LEU A 255 -28.26 -21.92 0.52
C LEU A 255 -28.18 -23.22 1.33
N GLU A 256 -27.44 -24.20 0.84
CA GLU A 256 -27.24 -25.47 1.54
C GLU A 256 -26.41 -25.34 2.81
N VAL A 257 -25.36 -24.56 2.71
CA VAL A 257 -24.28 -24.44 3.69
C VAL A 257 -24.56 -23.36 4.77
N GLY A 258 -25.28 -22.33 4.34
CA GLY A 258 -25.68 -21.25 5.21
C GLY A 258 -26.29 -21.71 6.51
N PRO A 259 -27.46 -22.38 6.44
CA PRO A 259 -28.17 -22.84 7.62
C PRO A 259 -27.32 -23.73 8.53
N ILE A 260 -26.44 -24.54 7.96
CA ILE A 260 -25.60 -25.38 8.76
C ILE A 260 -24.72 -24.52 9.65
N CYS A 261 -24.06 -23.53 9.04
CA CYS A 261 -23.23 -22.59 9.79
C CYS A 261 -24.01 -21.89 10.89
N ASN A 262 -25.29 -21.61 10.64
CA ASN A 262 -26.09 -20.90 11.61
C ASN A 262 -26.38 -21.71 12.85
N LYS A 263 -26.88 -22.93 12.65
CA LYS A 263 -27.27 -23.77 13.78
C LYS A 263 -26.07 -24.41 14.45
N GLU A 264 -24.91 -24.35 13.79
CA GLU A 264 -23.68 -24.89 14.35
C GLU A 264 -22.87 -23.77 14.99
N ASP A 265 -23.45 -22.57 14.90
CA ASP A 265 -22.89 -21.34 15.45
C ASP A 265 -21.50 -21.05 14.91
N ILE A 266 -21.32 -21.19 13.59
CA ILE A 266 -20.05 -20.91 12.91
C ILE A 266 -20.17 -19.63 12.08
N TRP A 267 -19.26 -18.68 12.32
CA TRP A 267 -19.16 -17.49 11.49
C TRP A 267 -19.05 -17.85 10.00
N LEU A 268 -19.98 -17.34 9.19
CA LEU A 268 -19.95 -17.57 7.74
C LEU A 268 -19.43 -16.36 6.95
N HIS A 269 -18.26 -16.50 6.36
CA HIS A 269 -17.72 -15.50 5.48
C HIS A 269 -17.85 -15.95 4.03
N VAL A 270 -18.54 -15.16 3.21
CA VAL A 270 -18.68 -15.46 1.80
C VAL A 270 -17.66 -14.65 0.99
N ASP A 271 -16.71 -15.36 0.39
CA ASP A 271 -15.73 -14.72 -0.46
C ASP A 271 -16.14 -14.87 -1.92
N ALA A 272 -16.41 -13.75 -2.58
CA ALA A 272 -16.71 -13.75 -4.00
C ALA A 272 -15.70 -12.98 -4.88
N ALA A 273 -14.42 -13.00 -4.55
CA ALA A 273 -13.53 -11.93 -5.03
C ALA A 273 -13.71 -11.57 -6.50
N TYR A 274 -13.65 -12.56 -7.37
CA TYR A 274 -13.80 -12.35 -8.81
C TYR A 274 -15.25 -11.95 -9.15
N ALA A 275 -16.16 -12.85 -8.77
CA ALA A 275 -17.47 -12.94 -9.38
C ALA A 275 -18.54 -12.07 -8.70
N GLY A 276 -18.24 -11.56 -7.53
CA GLY A 276 -19.15 -10.66 -6.83
C GLY A 276 -19.74 -9.56 -7.69
N SER A 277 -18.90 -8.91 -8.47
CA SER A 277 -19.37 -7.86 -9.37
C SER A 277 -20.60 -8.22 -10.19
N ALA A 278 -20.64 -9.45 -10.71
CA ALA A 278 -21.70 -9.85 -11.61
C ALA A 278 -23.06 -10.00 -10.93
N PHE A 279 -23.08 -9.94 -9.60
CA PHE A 279 -24.36 -9.96 -8.93
C PHE A 279 -25.07 -8.61 -9.03
N ILE A 280 -24.46 -7.65 -9.74
CA ILE A 280 -25.19 -6.43 -10.06
C ILE A 280 -26.07 -6.65 -11.29
N CYS A 281 -25.96 -7.83 -11.91
CA CYS A 281 -26.84 -8.28 -12.97
C CYS A 281 -27.87 -9.30 -12.52
N PRO A 282 -29.17 -8.99 -12.72
CA PRO A 282 -30.26 -9.87 -12.29
C PRO A 282 -30.03 -11.33 -12.71
N GLU A 283 -29.62 -11.54 -13.96
CA GLU A 283 -29.23 -12.88 -14.40
C GLU A 283 -28.39 -13.64 -13.38
N PHE A 284 -27.46 -12.97 -12.68
CA PHE A 284 -26.49 -13.71 -11.89
C PHE A 284 -26.76 -13.70 -10.41
N ARG A 285 -27.67 -12.82 -9.98
CA ARG A 285 -27.88 -12.55 -8.56
C ARG A 285 -28.25 -13.81 -7.77
N HIS A 286 -28.79 -14.81 -8.46
CA HIS A 286 -29.26 -16.01 -7.79
C HIS A 286 -28.13 -16.79 -7.17
N LEU A 287 -26.95 -16.72 -7.78
CA LEU A 287 -25.84 -17.51 -7.26
C LEU A 287 -25.52 -17.06 -5.86
N LEU A 288 -25.93 -15.83 -5.53
CA LEU A 288 -25.62 -15.18 -4.26
C LEU A 288 -26.69 -15.46 -3.19
N ASN A 289 -27.80 -16.08 -3.59
CA ASN A 289 -28.85 -16.42 -2.64
C ASN A 289 -28.32 -17.24 -1.48
N GLY A 290 -28.71 -16.86 -0.27
CA GLY A 290 -28.14 -17.48 0.90
C GLY A 290 -27.24 -16.53 1.68
N VAL A 291 -26.76 -15.47 1.01
CA VAL A 291 -26.03 -14.42 1.74
C VAL A 291 -26.74 -14.14 3.05
N GLU A 292 -28.06 -14.16 3.00
CA GLU A 292 -28.90 -13.97 4.17
C GLU A 292 -28.29 -14.69 5.38
N PHE A 293 -27.69 -15.84 5.16
CA PHE A 293 -27.15 -16.64 6.27
C PHE A 293 -25.76 -16.23 6.69
N ALA A 294 -25.09 -15.53 5.80
CA ALA A 294 -23.70 -15.10 5.94
C ALA A 294 -23.50 -14.14 7.08
N ASP A 295 -22.30 -14.11 7.65
CA ASP A 295 -21.99 -13.12 8.69
C ASP A 295 -21.22 -11.95 8.12
N SER A 296 -20.50 -12.21 7.06
CA SER A 296 -19.71 -11.21 6.39
C SER A 296 -19.59 -11.65 4.94
N PHE A 297 -19.68 -10.69 4.02
CA PHE A 297 -19.59 -10.98 2.62
C PHE A 297 -18.55 -10.07 2.01
N ASN A 298 -17.66 -10.62 1.19
CA ASN A 298 -16.62 -9.81 0.54
C ASN A 298 -16.35 -10.18 -0.91
N PHE A 299 -16.01 -9.19 -1.73
CA PHE A 299 -15.54 -9.42 -3.11
C PHE A 299 -14.69 -8.24 -3.59
N ASN A 300 -13.91 -8.43 -4.67
CA ASN A 300 -13.10 -7.35 -5.19
C ASN A 300 -13.68 -6.69 -6.42
N PRO A 301 -14.07 -5.41 -6.28
CA PRO A 301 -14.60 -4.71 -7.42
C PRO A 301 -13.48 -4.32 -8.37
N HIS A 302 -12.27 -4.10 -7.86
CA HIS A 302 -11.22 -3.57 -8.73
C HIS A 302 -10.95 -4.56 -9.82
N LYS A 303 -11.35 -5.80 -9.57
CA LYS A 303 -11.22 -6.89 -10.53
C LYS A 303 -12.12 -6.71 -11.76
N TRP A 304 -13.39 -6.46 -11.52
CA TRP A 304 -14.34 -6.52 -12.60
C TRP A 304 -15.35 -5.36 -12.63
N LEU A 305 -15.32 -4.49 -11.63
CA LEU A 305 -16.13 -3.27 -11.62
C LEU A 305 -15.32 -2.02 -11.92
N LEU A 306 -14.10 -2.16 -12.41
CA LEU A 306 -13.38 -1.03 -13.00
C LEU A 306 -12.85 0.02 -12.02
N VAL A 307 -12.90 -0.32 -10.74
CA VAL A 307 -12.18 0.43 -9.74
C VAL A 307 -10.71 0.01 -9.85
N ASN A 308 -9.79 0.97 -9.68
CA ASN A 308 -8.36 0.68 -9.61
C ASN A 308 -8.00 -0.24 -8.43
N PHE A 309 -6.87 -0.94 -8.56
CA PHE A 309 -6.65 -2.24 -7.87
C PHE A 309 -6.89 -2.32 -6.36
N ASP A 310 -6.48 -1.30 -5.63
CA ASP A 310 -6.39 -1.37 -4.17
C ASP A 310 -7.75 -1.15 -3.48
N CYS A 311 -8.68 -2.10 -3.66
CA CYS A 311 -10.07 -1.86 -3.25
C CYS A 311 -10.93 -3.12 -3.14
N SER A 312 -11.12 -3.57 -1.90
CA SER A 312 -11.88 -4.78 -1.61
C SER A 312 -13.08 -4.48 -0.70
N ALA A 313 -14.27 -4.87 -1.14
CA ALA A 313 -15.47 -4.48 -0.45
C ALA A 313 -16.05 -5.62 0.40
N MET A 314 -16.50 -5.29 1.60
CA MET A 314 -16.93 -6.26 2.60
C MET A 314 -18.00 -5.70 3.53
N TRP A 315 -19.14 -6.37 3.56
CA TRP A 315 -20.22 -6.03 4.48
C TRP A 315 -20.28 -7.03 5.61
N VAL A 316 -20.76 -6.59 6.76
CA VAL A 316 -20.96 -7.47 7.91
C VAL A 316 -22.35 -7.25 8.49
N LYS A 317 -22.92 -8.27 9.12
CA LYS A 317 -24.23 -8.11 9.75
C LYS A 317 -24.15 -7.26 11.01
N LYS A 318 -23.03 -7.35 11.70
CA LYS A 318 -22.84 -6.72 13.01
C LYS A 318 -21.51 -5.97 13.03
N ARG A 319 -21.54 -4.64 12.84
CA ARG A 319 -20.31 -3.86 12.79
C ARG A 319 -19.48 -3.89 14.11
N THR A 320 -20.15 -4.00 15.25
CA THR A 320 -19.40 -4.07 16.52
C THR A 320 -18.68 -5.40 16.71
N ASP A 321 -19.11 -6.43 15.96
CA ASP A 321 -18.32 -7.66 15.82
C ASP A 321 -16.94 -7.30 15.27
N LEU A 322 -16.93 -6.41 14.28
CA LEU A 322 -15.72 -5.98 13.60
C LEU A 322 -14.87 -5.11 14.51
N ARG A 355 -6.97 2.78 4.79
CA ARG A 355 -5.86 3.74 4.69
C ARG A 355 -6.13 4.76 3.58
N ARG A 356 -6.10 4.33 2.32
CA ARG A 356 -6.33 5.23 1.19
C ARG A 356 -7.81 5.68 1.10
N PHE A 357 -8.06 6.74 0.32
CA PHE A 357 -9.38 7.34 0.17
C PHE A 357 -10.05 6.60 -0.95
N ARG A 358 -10.39 5.34 -0.67
CA ARG A 358 -10.78 4.42 -1.70
C ARG A 358 -12.18 4.73 -2.19
N SER A 359 -12.99 5.37 -1.35
CA SER A 359 -14.40 5.58 -1.70
C SER A 359 -14.58 6.58 -2.83
N LEU A 360 -13.61 7.46 -3.03
CA LEU A 360 -13.68 8.43 -4.12
C LEU A 360 -13.51 7.77 -5.48
N LYS A 361 -12.64 6.77 -5.56
CA LYS A 361 -12.45 6.01 -6.79
C LYS A 361 -13.74 5.31 -7.16
N MET A 362 -14.45 4.78 -6.17
CA MET A 362 -15.73 4.16 -6.44
C MET A 362 -16.76 5.15 -6.96
N TRP A 363 -16.86 6.28 -6.26
CA TRP A 363 -17.80 7.33 -6.57
C TRP A 363 -17.64 7.80 -8.00
N PHE A 364 -16.39 7.97 -8.42
CA PHE A 364 -16.13 8.32 -9.81
C PHE A 364 -16.63 7.23 -10.75
N VAL A 365 -16.26 5.99 -10.45
CA VAL A 365 -16.52 4.93 -11.39
C VAL A 365 -18.01 4.65 -11.51
N PHE A 366 -18.74 4.72 -10.40
CA PHE A 366 -20.20 4.55 -10.47
C PHE A 366 -20.91 5.68 -11.18
N ARG A 367 -20.49 6.92 -10.91
CA ARG A 367 -21.13 8.06 -11.55
C ARG A 367 -20.80 8.16 -13.03
N MET A 368 -19.61 7.71 -13.42
CA MET A 368 -19.18 7.83 -14.82
C MET A 368 -19.65 6.68 -15.68
N TYR A 369 -19.87 5.53 -15.07
CA TYR A 369 -20.50 4.44 -15.81
C TYR A 369 -22.01 4.40 -15.65
N GLY A 370 -22.48 4.64 -14.43
CA GLY A 370 -23.87 4.41 -14.08
C GLY A 370 -24.09 2.92 -13.96
N VAL A 371 -25.12 2.53 -13.23
CA VAL A 371 -25.40 1.12 -13.07
C VAL A 371 -25.55 0.41 -14.43
N LYS A 372 -26.29 1.03 -15.35
CA LYS A 372 -26.51 0.41 -16.65
C LYS A 372 -25.21 0.21 -17.39
N GLY A 373 -24.30 1.18 -17.26
CA GLY A 373 -22.97 1.10 -17.88
C GLY A 373 -22.08 -0.01 -17.34
N LEU A 374 -22.08 -0.17 -16.02
CA LEU A 374 -21.42 -1.29 -15.37
C LEU A 374 -21.96 -2.66 -15.80
N GLN A 375 -23.29 -2.83 -15.73
CA GLN A 375 -23.90 -4.07 -16.10
C GLN A 375 -23.50 -4.41 -17.52
N ALA A 376 -23.46 -3.39 -18.38
CA ALA A 376 -23.02 -3.55 -19.76
C ALA A 376 -21.62 -4.15 -19.84
N TYR A 377 -20.66 -3.50 -19.17
CA TYR A 377 -19.30 -4.02 -19.04
C TYR A 377 -19.22 -5.51 -18.66
N ILE A 378 -19.95 -5.92 -17.63
CA ILE A 378 -20.01 -7.33 -17.25
C ILE A 378 -20.55 -8.23 -18.37
N ARG A 379 -21.68 -7.85 -18.94
CA ARG A 379 -22.37 -8.72 -19.88
C ARG A 379 -21.64 -8.88 -21.18
N LYS A 380 -20.80 -7.90 -21.49
CA LYS A 380 -19.85 -7.96 -22.60
C LYS A 380 -18.88 -9.11 -22.42
N HIS A 381 -18.33 -9.22 -21.22
CA HIS A 381 -17.30 -10.18 -20.97
C HIS A 381 -17.86 -11.58 -20.92
N VAL A 382 -18.99 -11.74 -20.24
CA VAL A 382 -19.74 -12.99 -20.25
C VAL A 382 -20.02 -13.47 -21.68
N GLN A 383 -20.41 -12.54 -22.54
CA GLN A 383 -20.80 -12.85 -23.90
C GLN A 383 -19.64 -13.39 -24.69
N LEU A 384 -18.48 -12.77 -24.50
CA LEU A 384 -17.28 -13.10 -25.26
C LEU A 384 -16.78 -14.42 -24.74
N SER A 385 -16.87 -14.56 -23.43
CA SER A 385 -16.69 -15.83 -22.80
C SER A 385 -17.55 -16.92 -23.46
N HIS A 386 -18.81 -16.62 -23.79
CA HIS A 386 -19.66 -17.60 -24.45
C HIS A 386 -19.34 -17.75 -25.94
N GLU A 387 -18.98 -16.65 -26.59
CA GLU A 387 -18.49 -16.73 -27.97
C GLU A 387 -17.34 -17.72 -28.08
N PHE A 388 -16.39 -17.64 -27.15
CA PHE A 388 -15.22 -18.52 -27.14
C PHE A 388 -15.64 -19.96 -26.89
N GLU A 389 -16.42 -20.18 -25.84
CA GLU A 389 -16.96 -21.50 -25.54
C GLU A 389 -17.55 -22.17 -26.76
N SER A 390 -18.34 -21.44 -27.55
CA SER A 390 -19.04 -22.09 -28.66
C SER A 390 -18.15 -22.34 -29.90
N LEU A 391 -17.03 -21.61 -29.98
CA LEU A 391 -15.97 -21.94 -30.94
C LEU A 391 -15.27 -23.25 -30.56
N VAL A 392 -15.15 -23.50 -29.26
CA VAL A 392 -14.46 -24.67 -28.74
C VAL A 392 -15.35 -25.89 -28.88
N ARG A 393 -16.65 -25.70 -28.78
CA ARG A 393 -17.59 -26.79 -29.02
C ARG A 393 -17.66 -27.15 -30.49
N GLN A 394 -17.80 -26.13 -31.33
CA GLN A 394 -17.79 -26.29 -32.78
C GLN A 394 -16.63 -27.15 -33.27
N ASP A 395 -15.61 -27.32 -32.42
CA ASP A 395 -14.43 -28.12 -32.78
C ASP A 395 -14.37 -29.44 -32.01
N PRO A 396 -14.38 -30.57 -32.74
CA PRO A 396 -14.51 -31.89 -32.13
C PRO A 396 -13.25 -32.34 -31.40
N ARG A 397 -12.20 -31.56 -31.50
CA ARG A 397 -10.90 -31.93 -30.95
C ARG A 397 -10.80 -31.47 -29.52
N PHE A 398 -11.61 -30.47 -29.20
CA PHE A 398 -11.58 -29.82 -27.90
C PHE A 398 -12.82 -30.15 -27.09
N GLU A 399 -12.66 -30.09 -25.78
CA GLU A 399 -13.77 -30.30 -24.84
C GLU A 399 -13.87 -29.08 -23.92
N ILE A 400 -15.06 -28.80 -23.41
CA ILE A 400 -15.17 -27.93 -22.25
C ILE A 400 -15.18 -28.77 -20.97
N CYS A 401 -14.50 -28.26 -19.93
CA CYS A 401 -14.32 -29.04 -18.72
C CYS A 401 -15.34 -28.70 -17.64
N VAL A 402 -15.57 -27.41 -17.45
CA VAL A 402 -16.46 -26.89 -16.43
C VAL A 402 -17.51 -26.04 -17.14
N GLU A 403 -18.72 -26.02 -16.59
CA GLU A 403 -19.77 -25.11 -17.06
C GLU A 403 -19.26 -23.66 -17.10
N VAL A 404 -19.44 -22.99 -18.24
CA VAL A 404 -18.92 -21.64 -18.42
C VAL A 404 -19.93 -20.62 -17.93
N ILE A 405 -19.78 -20.20 -16.67
CA ILE A 405 -20.77 -19.35 -16.02
C ILE A 405 -20.62 -17.87 -16.37
N LEU A 406 -19.42 -17.33 -16.25
CA LEU A 406 -19.24 -15.92 -16.54
C LEU A 406 -17.79 -15.51 -16.79
N GLY A 407 -17.34 -15.44 -18.04
CA GLY A 407 -16.08 -14.72 -18.27
C GLY A 407 -14.79 -15.52 -18.22
N LEU A 408 -14.84 -16.72 -17.66
CA LEU A 408 -13.72 -17.65 -17.72
C LEU A 408 -14.17 -18.92 -18.41
N VAL A 409 -13.28 -19.49 -19.24
CA VAL A 409 -13.57 -20.72 -19.97
C VAL A 409 -12.50 -21.75 -19.69
N CYS A 410 -12.91 -22.95 -19.31
CA CYS A 410 -11.98 -24.00 -18.97
C CYS A 410 -11.98 -25.08 -20.02
N PHE A 411 -11.01 -25.00 -20.93
CA PHE A 411 -10.97 -25.90 -22.08
C PHE A 411 -9.70 -26.72 -22.16
N ARG A 412 -9.65 -27.55 -23.20
CA ARG A 412 -8.84 -28.75 -23.24
C ARG A 412 -8.94 -29.43 -24.58
N LEU A 413 -7.80 -29.91 -25.04
CA LEU A 413 -7.71 -30.71 -26.23
C LEU A 413 -7.94 -32.14 -25.78
N LYS A 414 -8.85 -32.84 -26.46
CA LYS A 414 -9.18 -34.22 -26.07
C LYS A 414 -7.96 -35.10 -26.10
N GLY A 415 -7.84 -36.01 -25.14
CA GLY A 415 -6.69 -36.90 -25.08
C GLY A 415 -5.97 -36.76 -23.76
N SER A 416 -4.64 -36.68 -23.81
CA SER A 416 -3.85 -36.68 -22.59
C SER A 416 -3.50 -35.29 -22.10
N ASN A 417 -3.35 -35.17 -20.79
CA ASN A 417 -2.75 -33.99 -20.19
C ASN A 417 -1.52 -33.56 -20.98
N LYS A 418 -0.67 -34.53 -21.30
CA LYS A 418 0.58 -34.28 -22.00
C LYS A 418 0.39 -33.54 -23.34
N VAL A 419 -0.63 -33.92 -24.10
CA VAL A 419 -0.90 -33.17 -25.32
C VAL A 419 -1.20 -31.72 -24.96
N ASN A 420 -1.88 -31.52 -23.82
CA ASN A 420 -2.36 -30.22 -23.40
C ASN A 420 -1.29 -29.36 -22.76
N GLU A 421 -0.31 -30.01 -22.15
CA GLU A 421 0.83 -29.29 -21.60
C GLU A 421 1.71 -28.79 -22.71
N ALA A 422 1.68 -29.53 -23.82
CA ALA A 422 2.42 -29.19 -25.04
C ALA A 422 1.84 -27.92 -25.62
N LEU A 423 0.52 -27.94 -25.79
CA LEU A 423 -0.20 -26.83 -26.40
C LEU A 423 -0.04 -25.51 -25.62
N LEU A 424 -0.23 -25.54 -24.31
CA LEU A 424 0.06 -24.37 -23.52
C LEU A 424 1.50 -23.94 -23.73
N GLN A 425 2.40 -24.91 -23.92
CA GLN A 425 3.82 -24.58 -24.12
C GLN A 425 4.16 -24.01 -25.48
N ARG A 426 3.23 -24.07 -26.41
CA ARG A 426 3.41 -23.40 -27.68
C ARG A 426 2.85 -22.01 -27.57
N ILE A 427 1.61 -21.93 -27.09
CA ILE A 427 0.97 -20.65 -26.85
C ILE A 427 1.95 -19.76 -26.07
N ASN A 428 2.23 -20.13 -24.83
CA ASN A 428 3.10 -19.31 -24.00
C ASN A 428 4.44 -18.98 -24.67
N SER A 429 4.92 -19.86 -25.54
CA SER A 429 6.18 -19.62 -26.28
C SER A 429 6.07 -18.68 -27.46
N ALA A 430 4.96 -18.78 -28.19
CA ALA A 430 4.74 -17.97 -29.37
C ALA A 430 4.67 -16.48 -29.02
N LYS A 431 4.40 -16.18 -27.76
CA LYS A 431 4.41 -14.81 -27.27
C LYS A 431 3.30 -13.94 -27.87
N LYS A 432 2.43 -14.53 -28.67
CA LYS A 432 1.33 -13.75 -29.23
C LYS A 432 0.24 -13.45 -28.16
N ILE A 433 -0.32 -14.50 -27.56
CA ILE A 433 -1.29 -14.39 -26.47
C ILE A 433 -0.76 -15.16 -25.27
N HIS A 434 -1.41 -15.08 -24.11
CA HIS A 434 -0.92 -15.77 -22.92
C HIS A 434 -1.96 -16.35 -21.93
N LEU A 435 -1.82 -17.64 -21.60
CA LEU A 435 -2.83 -18.35 -20.82
C LEU A 435 -2.24 -19.05 -19.61
N VAL A 436 -2.97 -19.04 -18.50
CA VAL A 436 -2.55 -19.74 -17.30
C VAL A 436 -3.40 -20.99 -17.08
N PRO A 437 -2.77 -22.18 -16.99
CA PRO A 437 -3.54 -23.41 -16.77
C PRO A 437 -3.89 -23.64 -15.30
N CYS A 438 -4.58 -24.73 -15.01
CA CYS A 438 -4.73 -25.23 -13.64
C CYS A 438 -5.06 -26.69 -13.73
N HIS A 439 -5.15 -27.34 -12.58
CA HIS A 439 -5.63 -28.70 -12.56
C HIS A 439 -7.03 -28.80 -11.99
N LEU A 440 -7.83 -29.68 -12.55
CA LEU A 440 -9.14 -29.86 -12.01
C LEU A 440 -9.15 -31.30 -11.63
N ARG A 441 -9.09 -31.57 -10.35
CA ARG A 441 -8.93 -32.93 -9.92
C ARG A 441 -7.69 -33.31 -10.66
N ASP A 442 -7.76 -34.37 -11.45
CA ASP A 442 -6.55 -34.83 -12.12
C ASP A 442 -6.35 -34.25 -13.51
N LYS A 443 -7.38 -33.62 -14.08
CA LYS A 443 -7.29 -33.14 -15.46
C LYS A 443 -6.54 -31.83 -15.66
N PHE A 444 -5.55 -31.84 -16.56
CA PHE A 444 -4.85 -30.63 -16.95
C PHE A 444 -5.76 -29.74 -17.79
N VAL A 445 -5.89 -28.49 -17.39
CA VAL A 445 -6.90 -27.66 -18.01
C VAL A 445 -6.31 -26.32 -18.43
N LEU A 446 -6.70 -25.87 -19.62
CA LEU A 446 -6.38 -24.53 -20.08
C LEU A 446 -7.49 -23.55 -19.69
N ARG A 447 -7.11 -22.54 -18.90
CA ARG A 447 -7.99 -21.45 -18.58
C ARG A 447 -7.93 -20.33 -19.67
N PHE A 448 -9.05 -19.68 -19.91
CA PHE A 448 -9.08 -18.56 -20.83
C PHE A 448 -9.95 -17.49 -20.17
N ALA A 449 -9.34 -16.51 -19.52
CA ALA A 449 -10.11 -15.43 -18.88
C ALA A 449 -10.33 -14.25 -19.83
N ILE A 450 -11.59 -13.89 -20.06
CA ILE A 450 -11.83 -12.61 -20.70
C ILE A 450 -11.98 -11.53 -19.64
N CYS A 451 -10.95 -10.73 -19.49
CA CYS A 451 -10.95 -9.71 -18.46
C CYS A 451 -9.92 -8.69 -18.85
N SER A 452 -10.38 -7.60 -19.46
CA SER A 452 -9.54 -6.46 -19.78
C SER A 452 -10.43 -5.37 -20.40
N ARG A 453 -10.16 -4.11 -20.05
CA ARG A 453 -11.10 -3.06 -20.39
C ARG A 453 -11.62 -3.16 -21.82
N THR A 454 -10.78 -3.62 -22.75
CA THR A 454 -11.14 -3.53 -24.16
C THR A 454 -10.98 -4.79 -24.99
N VAL A 455 -11.11 -5.96 -24.38
CA VAL A 455 -11.27 -7.16 -25.21
C VAL A 455 -12.51 -6.90 -26.05
N GLU A 456 -12.43 -7.23 -27.34
CA GLU A 456 -13.60 -7.22 -28.23
C GLU A 456 -13.78 -8.60 -28.87
N SER A 457 -14.90 -8.78 -29.57
CA SER A 457 -15.19 -10.03 -30.25
C SER A 457 -14.03 -10.48 -31.11
N ALA A 458 -13.42 -9.52 -31.80
CA ALA A 458 -12.38 -9.79 -32.80
C ALA A 458 -11.08 -10.33 -32.18
N HIS A 459 -10.77 -9.87 -30.96
CA HIS A 459 -9.61 -10.40 -30.25
C HIS A 459 -9.81 -11.86 -29.97
N VAL A 460 -10.99 -12.19 -29.46
CA VAL A 460 -11.33 -13.57 -29.18
C VAL A 460 -11.06 -14.51 -30.37
N GLN A 461 -11.48 -14.11 -31.57
CA GLN A 461 -11.35 -14.97 -32.72
C GLN A 461 -9.90 -15.13 -33.13
N ARG A 462 -9.20 -14.00 -33.25
CA ARG A 462 -7.79 -14.04 -33.58
C ARG A 462 -7.10 -15.00 -32.64
N ALA A 463 -7.45 -14.91 -31.35
CA ALA A 463 -6.88 -15.77 -30.32
C ALA A 463 -7.20 -17.23 -30.57
N TRP A 464 -8.46 -17.50 -30.89
CA TRP A 464 -8.87 -18.86 -31.15
C TRP A 464 -8.22 -19.42 -32.44
N GLU A 465 -8.13 -18.60 -33.49
CA GLU A 465 -7.36 -18.99 -34.68
C GLU A 465 -5.94 -19.42 -34.36
N HIS A 466 -5.27 -18.63 -33.52
CA HIS A 466 -3.90 -18.92 -33.12
C HIS A 466 -3.82 -20.20 -32.27
N ILE A 467 -4.82 -20.47 -31.45
CA ILE A 467 -4.81 -21.71 -30.68
C ILE A 467 -4.92 -22.89 -31.62
N LYS A 468 -5.85 -22.83 -32.58
CA LYS A 468 -6.07 -23.95 -33.49
C LYS A 468 -4.86 -24.26 -34.39
N GLU A 469 -4.20 -23.23 -34.92
CA GLU A 469 -2.96 -23.41 -35.71
C GLU A 469 -2.06 -24.31 -34.91
N LEU A 470 -1.76 -23.88 -33.68
CA LEU A 470 -0.73 -24.52 -32.86
C LEU A 470 -1.13 -25.91 -32.42
N ALA A 471 -2.44 -26.13 -32.30
CA ALA A 471 -2.98 -27.40 -31.90
C ALA A 471 -2.85 -28.47 -32.99
N ALA A 472 -3.20 -28.10 -34.22
CA ALA A 472 -3.01 -28.99 -35.36
C ALA A 472 -1.52 -29.38 -35.49
N ASP A 473 -0.66 -28.48 -35.03
CA ASP A 473 0.78 -28.73 -34.93
C ASP A 473 1.04 -29.76 -33.85
N VAL A 474 0.48 -29.50 -32.68
CA VAL A 474 0.61 -30.38 -31.53
C VAL A 474 0.03 -31.74 -31.84
N LEU A 475 -1.00 -31.78 -32.69
CA LEU A 475 -1.56 -33.04 -33.11
C LEU A 475 -0.69 -33.77 -34.12
N ARG A 476 0.00 -33.04 -35.00
CA ARG A 476 1.00 -33.63 -35.90
C ARG A 476 2.12 -34.33 -35.12
N ALA A 477 2.59 -33.68 -34.06
CA ALA A 477 3.61 -34.25 -33.18
C ALA A 477 3.13 -35.59 -32.59
N GLU A 478 1.89 -35.61 -32.12
CA GLU A 478 1.25 -36.82 -31.58
C GLU A 478 1.24 -37.99 -32.55
N ARG A 479 1.06 -37.70 -33.83
CA ARG A 479 1.15 -38.70 -34.89
C ARG A 479 2.58 -39.24 -35.03
N GLU A 480 3.56 -38.43 -34.61
CA GLU A 480 4.95 -38.85 -34.61
C GLU A 480 5.41 -39.33 -33.23
N MET B 1 -15.46 5.03 -20.35
CA MET B 1 -15.15 5.98 -21.46
C MET B 1 -14.04 5.46 -22.38
N ASN B 2 -13.93 6.03 -23.57
CA ASN B 2 -12.86 5.63 -24.50
C ASN B 2 -11.63 6.54 -24.32
N ALA B 3 -10.67 6.37 -25.23
CA ALA B 3 -9.40 7.07 -25.09
C ALA B 3 -9.55 8.56 -25.27
N SER B 4 -10.24 9.00 -26.33
CA SER B 4 -10.30 10.43 -26.58
C SER B 4 -11.27 11.22 -25.68
N GLU B 5 -12.18 10.54 -24.99
CA GLU B 5 -12.90 11.16 -23.89
C GLU B 5 -11.92 11.44 -22.78
N PHE B 6 -10.97 10.54 -22.57
CA PHE B 6 -10.00 10.66 -21.48
C PHE B 6 -9.01 11.81 -21.72
N ARG B 7 -8.51 11.94 -22.94
CA ARG B 7 -7.62 13.06 -23.25
C ARG B 7 -8.27 14.35 -22.80
N ARG B 8 -9.57 14.47 -23.04
CA ARG B 8 -10.25 15.69 -22.65
C ARG B 8 -10.38 15.77 -21.12
N ARG B 9 -11.16 14.87 -20.53
CA ARG B 9 -11.41 14.92 -19.10
C ARG B 9 -10.14 14.86 -18.27
N GLY B 10 -9.12 14.16 -18.80
CA GLY B 10 -7.82 14.09 -18.15
C GLY B 10 -7.11 15.44 -18.12
N LYS B 11 -7.06 16.11 -19.26
CA LYS B 11 -6.50 17.42 -19.31
C LYS B 11 -7.29 18.37 -18.42
N GLU B 12 -8.61 18.20 -18.43
CA GLU B 12 -9.48 18.97 -17.55
C GLU B 12 -9.07 18.73 -16.11
N MET B 13 -8.81 17.47 -15.76
CA MET B 13 -8.43 17.14 -14.39
C MET B 13 -7.07 17.69 -13.98
N VAL B 14 -6.09 17.64 -14.87
CA VAL B 14 -4.82 18.29 -14.59
C VAL B 14 -5.07 19.75 -14.20
N ASP B 15 -5.90 20.43 -14.98
CA ASP B 15 -6.34 21.79 -14.65
C ASP B 15 -6.93 21.92 -13.24
N TYR B 16 -7.89 21.07 -12.90
CA TYR B 16 -8.54 21.16 -11.58
C TYR B 16 -7.54 20.99 -10.45
N VAL B 17 -6.62 20.05 -10.64
CA VAL B 17 -5.62 19.67 -9.66
C VAL B 17 -4.59 20.77 -9.47
N ALA B 18 -4.19 21.39 -10.58
CA ALA B 18 -3.29 22.54 -10.59
C ALA B 18 -3.88 23.67 -9.75
N ASN B 19 -5.06 24.11 -10.15
CA ASN B 19 -5.82 25.10 -9.41
C ASN B 19 -5.85 24.80 -7.94
N TYR B 20 -6.22 23.58 -7.57
CA TYR B 20 -6.32 23.25 -6.17
C TYR B 20 -5.05 23.68 -5.50
N MET B 21 -3.93 23.22 -6.04
CA MET B 21 -2.61 23.40 -5.44
C MET B 21 -2.13 24.84 -5.51
N GLU B 22 -2.78 25.66 -6.32
CA GLU B 22 -2.36 27.03 -6.43
C GLU B 22 -3.06 27.85 -5.38
N GLY B 23 -4.37 27.66 -5.24
CA GLY B 23 -5.16 28.46 -4.32
C GLY B 23 -5.31 27.80 -2.97
N ILE B 24 -4.45 26.84 -2.69
CA ILE B 24 -4.55 26.06 -1.47
C ILE B 24 -4.33 26.94 -0.26
N GLU B 25 -3.76 28.09 -0.51
CA GLU B 25 -3.47 29.09 0.49
C GLU B 25 -4.79 29.49 1.12
N GLY B 26 -5.81 29.64 0.29
CA GLY B 26 -7.13 29.98 0.77
C GLY B 26 -7.86 28.95 1.61
N ARG B 27 -7.81 27.70 1.20
CA ARG B 27 -8.54 26.62 1.90
C ARG B 27 -8.28 26.63 3.39
N GLN B 28 -9.27 26.25 4.19
CA GLN B 28 -9.04 26.00 5.61
C GLN B 28 -8.37 24.64 5.82
N VAL B 29 -7.31 24.64 6.60
CA VAL B 29 -6.51 23.45 6.83
C VAL B 29 -7.33 22.30 7.42
N TYR B 30 -8.27 22.57 8.29
CA TYR B 30 -9.09 21.50 8.84
C TYR B 30 -10.53 21.64 8.39
N PRO B 31 -11.22 20.50 8.19
CA PRO B 31 -12.57 20.61 7.67
C PRO B 31 -13.41 21.29 8.71
N ASP B 32 -14.27 22.20 8.26
CA ASP B 32 -15.10 22.97 9.15
C ASP B 32 -16.52 22.53 8.87
N VAL B 33 -16.71 21.22 8.99
CA VAL B 33 -17.91 20.50 8.57
C VAL B 33 -17.89 19.20 9.38
N GLU B 34 -19.05 18.66 9.69
CA GLU B 34 -19.18 17.66 10.75
C GLU B 34 -19.48 16.25 10.23
N PRO B 35 -19.09 15.22 11.01
CA PRO B 35 -19.51 13.85 10.69
C PRO B 35 -21.02 13.80 10.55
N GLY B 36 -21.51 13.34 9.40
CA GLY B 36 -22.95 13.22 9.17
C GLY B 36 -23.46 14.15 8.07
N TYR B 37 -22.65 15.11 7.68
CA TYR B 37 -23.06 16.15 6.73
C TYR B 37 -23.26 15.64 5.30
N LEU B 38 -22.64 14.51 4.99
CA LEU B 38 -22.47 14.06 3.61
C LEU B 38 -23.62 13.21 3.04
N ARG B 39 -24.09 12.22 3.81
CA ARG B 39 -25.20 11.37 3.39
C ARG B 39 -26.33 12.15 2.70
N PRO B 40 -26.80 13.25 3.29
CA PRO B 40 -27.94 13.91 2.63
C PRO B 40 -27.58 14.79 1.43
N LEU B 41 -26.31 14.93 1.10
CA LEU B 41 -25.97 15.71 -0.08
C LEU B 41 -25.85 14.84 -1.34
N ILE B 42 -26.09 13.53 -1.19
CA ILE B 42 -25.82 12.57 -2.24
C ILE B 42 -26.95 11.55 -2.31
N PRO B 43 -27.50 11.34 -3.52
CA PRO B 43 -28.56 10.37 -3.80
C PRO B 43 -28.37 9.04 -3.03
N ALA B 44 -29.46 8.34 -2.71
CA ALA B 44 -29.39 7.17 -1.85
C ALA B 44 -28.89 5.94 -2.60
N ALA B 45 -29.12 5.93 -3.91
CA ALA B 45 -28.71 4.86 -4.81
C ALA B 45 -27.81 5.45 -5.89
N ALA B 46 -27.11 4.58 -6.62
CA ALA B 46 -26.21 5.02 -7.67
C ALA B 46 -27.00 5.39 -8.91
N PRO B 47 -26.49 6.37 -9.69
CA PRO B 47 -27.16 6.77 -10.92
C PRO B 47 -27.25 5.60 -11.90
N GLN B 48 -28.42 5.40 -12.51
CA GLN B 48 -28.57 4.38 -13.54
C GLN B 48 -27.85 4.75 -14.82
N GLU B 49 -28.07 5.97 -15.31
CA GLU B 49 -27.38 6.45 -16.48
C GLU B 49 -26.18 7.25 -15.99
N PRO B 50 -25.16 7.41 -16.85
CA PRO B 50 -23.96 8.10 -16.42
C PRO B 50 -24.17 9.60 -16.19
N ASP B 51 -23.58 10.13 -15.13
CA ASP B 51 -23.67 11.55 -14.86
C ASP B 51 -22.64 12.26 -15.72
N THR B 52 -22.72 13.58 -15.83
CA THR B 52 -21.69 14.30 -16.56
C THR B 52 -20.43 14.47 -15.69
N PHE B 53 -19.28 14.46 -16.35
CA PHE B 53 -18.03 14.84 -15.73
C PHE B 53 -18.18 16.24 -15.09
N GLU B 54 -18.74 17.17 -15.87
CA GLU B 54 -19.09 18.51 -15.41
C GLU B 54 -19.73 18.57 -14.03
N ASP B 55 -20.66 17.65 -13.79
CA ASP B 55 -21.50 17.68 -12.58
C ASP B 55 -20.78 17.04 -11.42
N ILE B 56 -19.86 16.14 -11.74
CA ILE B 56 -19.13 15.41 -10.73
C ILE B 56 -18.12 16.35 -10.12
N ILE B 57 -17.43 17.08 -10.96
CA ILE B 57 -16.36 17.95 -10.48
C ILE B 57 -16.92 18.98 -9.52
N ASN B 58 -18.01 19.63 -9.94
CA ASN B 58 -18.68 20.63 -9.10
C ASN B 58 -19.01 20.05 -7.76
N ASP B 59 -19.45 18.79 -7.78
CA ASP B 59 -19.74 18.04 -6.58
C ASP B 59 -18.52 17.83 -5.69
N VAL B 60 -17.36 17.64 -6.31
CA VAL B 60 -16.09 17.53 -5.59
C VAL B 60 -15.73 18.86 -4.88
N GLU B 61 -16.01 19.98 -5.53
CA GLU B 61 -15.77 21.32 -4.95
C GLU B 61 -16.71 21.59 -3.82
N LYS B 62 -17.99 21.44 -4.10
CA LYS B 62 -19.05 21.86 -3.20
C LYS B 62 -19.32 20.82 -2.10
N ILE B 63 -19.16 19.54 -2.42
CA ILE B 63 -19.51 18.51 -1.45
C ILE B 63 -18.32 17.86 -0.79
N ILE B 64 -17.26 17.59 -1.54
CA ILE B 64 -16.13 16.81 -1.01
C ILE B 64 -15.10 17.71 -0.33
N MET B 65 -14.76 18.82 -0.97
CA MET B 65 -13.72 19.70 -0.46
C MET B 65 -13.89 20.20 0.98
N PRO B 66 -15.07 20.70 1.35
CA PRO B 66 -15.28 21.13 2.73
C PRO B 66 -15.01 20.05 3.75
N GLY B 67 -15.26 18.80 3.37
CA GLY B 67 -15.15 17.67 4.28
C GLY B 67 -13.79 17.03 4.28
N VAL B 68 -12.87 17.66 3.56
CA VAL B 68 -11.51 17.19 3.40
C VAL B 68 -10.51 18.01 4.23
N THR B 69 -9.38 17.39 4.57
CA THR B 69 -8.38 18.05 5.42
C THR B 69 -7.53 19.08 4.72
N HIS B 70 -6.96 18.78 3.57
CA HIS B 70 -6.07 19.77 2.90
C HIS B 70 -4.70 19.85 3.51
N TRP B 71 -4.16 18.70 3.89
CA TRP B 71 -2.82 18.59 4.46
C TRP B 71 -1.72 19.23 3.59
N HIS B 72 -2.00 19.47 2.32
CA HIS B 72 -1.05 20.05 1.35
C HIS B 72 -0.95 21.57 1.40
N SER B 73 -1.17 22.20 2.54
CA SER B 73 -1.11 23.64 2.53
C SER B 73 0.11 24.12 3.28
N PRO B 74 0.45 25.42 3.13
CA PRO B 74 1.63 25.92 3.80
C PRO B 74 1.38 26.05 5.30
N TYR B 75 0.10 26.09 5.67
CA TYR B 75 -0.31 26.31 7.04
C TYR B 75 -0.41 25.03 7.86
N PHE B 76 -0.26 23.90 7.21
CA PHE B 76 -0.15 22.66 7.92
C PHE B 76 1.31 22.44 8.32
N PHE B 77 1.72 22.94 9.48
CA PHE B 77 3.11 22.89 9.90
C PHE B 77 3.45 21.63 10.66
N ALA B 78 3.21 20.50 9.99
CA ALA B 78 3.56 19.19 10.50
C ALA B 78 3.95 18.39 9.28
N TYR B 79 4.76 17.36 9.48
CA TYR B 79 5.05 16.43 8.41
C TYR B 79 3.76 15.78 7.91
N PHE B 80 3.56 15.86 6.59
CA PHE B 80 2.41 15.28 5.90
C PHE B 80 2.86 14.02 5.17
N PRO B 81 2.68 12.86 5.80
CA PRO B 81 3.37 11.66 5.33
C PRO B 81 3.02 11.25 3.91
N THR B 82 1.86 11.68 3.42
CA THR B 82 1.36 11.17 2.14
C THR B 82 1.30 12.22 1.05
N ALA B 83 1.94 13.36 1.29
CA ALA B 83 2.19 14.35 0.25
C ALA B 83 2.83 13.71 -0.96
N SER B 84 2.74 14.42 -2.10
CA SER B 84 3.43 14.01 -3.33
C SER B 84 3.77 15.23 -4.16
N SER B 85 4.97 15.24 -4.74
CA SER B 85 5.36 16.36 -5.57
C SER B 85 4.66 16.26 -6.91
N TYR B 86 4.79 17.29 -7.73
CA TYR B 86 4.29 17.23 -9.07
C TYR B 86 4.91 16.10 -9.88
N PRO B 87 6.26 15.92 -9.82
CA PRO B 87 6.82 14.90 -10.68
C PRO B 87 6.36 13.55 -10.24
N ALA B 88 6.09 13.42 -8.94
CA ALA B 88 5.52 12.19 -8.37
C ALA B 88 4.13 11.89 -8.91
N MET B 89 3.34 12.94 -9.10
CA MET B 89 2.01 12.78 -9.69
C MET B 89 2.08 12.39 -11.17
N LEU B 90 2.99 13.02 -11.91
CA LEU B 90 3.16 12.69 -13.32
C LEU B 90 3.48 11.22 -13.46
N ALA B 91 4.46 10.79 -12.69
CA ALA B 91 4.87 9.39 -12.68
C ALA B 91 3.67 8.50 -12.29
N ASP B 92 2.88 9.00 -11.35
CA ASP B 92 1.81 8.23 -10.73
C ASP B 92 0.70 7.96 -11.71
N MET B 93 0.59 8.80 -12.75
CA MET B 93 -0.38 8.61 -13.80
C MET B 93 0.10 7.50 -14.68
N LEU B 94 1.35 7.58 -15.10
CA LEU B 94 1.96 6.61 -16.00
C LEU B 94 2.11 5.31 -15.28
N CYS B 95 2.50 5.40 -14.01
CA CYS B 95 2.66 4.23 -13.18
C CYS B 95 1.37 3.41 -13.10
N GLY B 96 0.24 4.09 -13.13
CA GLY B 96 -1.04 3.42 -13.21
C GLY B 96 -1.53 3.03 -14.59
N ALA B 97 -0.95 3.58 -15.65
CA ALA B 97 -1.36 3.21 -17.02
C ALA B 97 -0.80 1.83 -17.37
N ILE B 98 0.49 1.65 -17.10
CA ILE B 98 1.13 0.36 -17.18
C ILE B 98 0.42 -0.67 -16.30
N GLY B 99 0.21 -0.29 -15.03
CA GLY B 99 -0.32 -1.19 -14.00
C GLY B 99 0.76 -1.82 -13.13
N SER B 104 7.60 -9.94 -9.66
CA SER B 104 9.02 -10.33 -9.68
C SER B 104 9.83 -9.57 -10.74
N TRP B 105 11.13 -9.89 -10.82
CA TRP B 105 11.96 -9.42 -11.94
C TRP B 105 11.33 -9.83 -13.26
N ALA B 106 11.11 -11.14 -13.42
CA ALA B 106 10.55 -11.70 -14.65
C ALA B 106 9.32 -10.92 -15.15
N ALA B 107 8.41 -10.61 -14.24
CA ALA B 107 7.22 -9.82 -14.58
C ALA B 107 7.61 -8.41 -15.10
N SER B 108 8.63 -7.80 -14.51
CA SER B 108 8.96 -6.42 -14.84
C SER B 108 10.44 -6.12 -14.62
N PRO B 109 11.27 -6.42 -15.64
CA PRO B 109 12.72 -6.19 -15.58
C PRO B 109 13.08 -4.71 -15.40
N ALA B 110 12.28 -3.85 -15.99
CA ALA B 110 12.46 -2.41 -15.86
C ALA B 110 12.27 -1.92 -14.42
N CYS B 111 11.24 -2.45 -13.73
CA CYS B 111 10.91 -2.06 -12.35
C CYS B 111 12.08 -2.39 -11.41
N THR B 112 12.62 -3.59 -11.58
CA THR B 112 13.70 -4.07 -10.73
C THR B 112 15.02 -3.33 -11.00
N GLU B 113 15.44 -3.24 -12.26
CA GLU B 113 16.74 -2.67 -12.58
C GLU B 113 16.83 -1.19 -12.22
N LEU B 114 15.75 -0.46 -12.51
CA LEU B 114 15.65 0.93 -12.14
C LEU B 114 15.79 1.15 -10.62
N GLU B 115 15.33 0.19 -9.82
CA GLU B 115 15.48 0.23 -8.36
C GLU B 115 16.95 0.34 -7.98
N THR B 116 17.73 -0.51 -8.63
CA THR B 116 19.12 -0.75 -8.32
C THR B 116 19.92 0.49 -8.69
N VAL B 117 19.52 1.12 -9.80
CA VAL B 117 20.19 2.31 -10.32
C VAL B 117 19.81 3.54 -9.52
N MET B 118 18.52 3.68 -9.19
CA MET B 118 18.07 4.83 -8.42
C MET B 118 18.70 4.83 -7.05
N MET B 119 18.90 3.65 -6.45
CA MET B 119 19.56 3.59 -5.15
C MET B 119 20.97 4.12 -5.29
N ASP B 120 21.56 3.96 -6.46
CA ASP B 120 22.93 4.36 -6.63
C ASP B 120 23.00 5.86 -6.68
N TRP B 121 22.12 6.46 -7.47
CA TRP B 121 21.95 7.90 -7.52
C TRP B 121 21.83 8.45 -6.11
N LEU B 122 20.91 7.90 -5.37
CA LEU B 122 20.67 8.34 -4.02
C LEU B 122 21.96 8.23 -3.22
N GLY B 123 22.61 7.09 -3.27
CA GLY B 123 23.87 6.88 -2.58
C GLY B 123 24.95 7.92 -2.87
N LYS B 124 25.07 8.31 -4.13
CA LYS B 124 26.12 9.23 -4.57
C LYS B 124 25.80 10.65 -4.13
N MET B 125 24.54 11.04 -4.28
CA MET B 125 24.03 12.31 -3.78
C MET B 125 24.34 12.54 -2.30
N LEU B 126 24.06 11.54 -1.48
CA LEU B 126 24.41 11.58 -0.07
C LEU B 126 25.90 11.40 0.21
N GLU B 127 26.65 10.89 -0.75
CA GLU B 127 28.07 10.57 -0.55
C GLU B 127 28.30 9.61 0.62
N LEU B 128 27.56 8.51 0.57
CA LEU B 128 27.78 7.39 1.44
C LEU B 128 29.08 6.72 1.02
N PRO B 129 29.63 5.82 1.85
CA PRO B 129 30.87 5.17 1.43
C PRO B 129 30.68 4.43 0.12
N LYS B 130 31.75 4.19 -0.60
CA LYS B 130 31.66 3.48 -1.86
C LYS B 130 31.10 2.07 -1.65
N ALA B 131 31.51 1.41 -0.56
CA ALA B 131 31.10 0.05 -0.24
C ALA B 131 29.58 -0.17 -0.29
N PHE B 132 28.81 0.88 0.01
CA PHE B 132 27.34 0.85 0.06
C PHE B 132 26.68 0.81 -1.34
N LEU B 133 27.45 1.09 -2.37
CA LEU B 133 26.92 1.21 -3.74
C LEU B 133 26.66 -0.13 -4.43
N ASN B 134 25.50 -0.21 -5.06
CA ASN B 134 25.08 -1.35 -5.88
C ASN B 134 25.72 -1.35 -7.26
N GLU B 135 26.78 -0.57 -7.44
CA GLU B 135 27.37 -0.34 -8.75
C GLU B 135 28.24 -1.54 -9.13
N LYS B 136 27.73 -2.74 -8.87
CA LYS B 136 28.45 -3.98 -9.14
C LYS B 136 29.67 -4.16 -8.25
N ALA B 137 29.87 -3.23 -7.31
CA ALA B 137 31.07 -3.27 -6.48
C ALA B 137 31.34 -4.66 -5.87
N GLY B 138 30.33 -5.55 -5.89
CA GLY B 138 30.46 -6.91 -5.33
C GLY B 138 30.48 -6.93 -3.81
N GLU B 139 30.30 -5.75 -3.21
CA GLU B 139 30.28 -5.57 -1.75
C GLU B 139 29.24 -4.51 -1.39
N GLY B 140 28.51 -4.74 -0.31
CA GLY B 140 27.50 -3.79 0.13
C GLY B 140 26.39 -3.70 -0.89
N GLY B 141 25.53 -2.70 -0.74
CA GLY B 141 24.39 -2.53 -1.63
C GLY B 141 23.22 -1.87 -0.95
N GLY B 142 22.16 -1.61 -1.72
CA GLY B 142 21.00 -0.84 -1.25
C GLY B 142 19.72 -1.26 -1.95
N VAL B 143 18.60 -1.12 -1.26
CA VAL B 143 17.34 -1.69 -1.68
C VAL B 143 16.25 -0.80 -1.11
N ILE B 144 15.08 -0.75 -1.75
CA ILE B 144 13.96 0.02 -1.22
C ILE B 144 13.15 -0.83 -0.24
N GLN B 145 12.60 -0.20 0.78
CA GLN B 145 11.73 -0.88 1.72
C GLN B 145 10.42 -0.10 1.93
N GLY B 146 9.35 -0.81 2.24
CA GLY B 146 8.04 -0.19 2.38
C GLY B 146 8.00 0.84 3.50
N SER B 147 8.60 0.46 4.62
CA SER B 147 8.60 1.24 5.83
C SER B 147 9.99 1.27 6.40
N ALA B 148 10.30 2.31 7.18
CA ALA B 148 11.53 2.33 7.99
C ALA B 148 11.48 1.27 9.12
N SER B 149 10.29 0.80 9.42
CA SER B 149 10.12 -0.28 10.37
C SER B 149 10.68 -1.57 9.81
N GLU B 150 10.29 -1.92 8.59
CA GLU B 150 10.87 -3.07 7.88
C GLU B 150 12.40 -3.06 7.91
N ALA B 151 13.01 -1.93 7.53
CA ALA B 151 14.47 -1.86 7.42
C ALA B 151 15.12 -2.17 8.76
N THR B 152 14.67 -1.47 9.80
CA THR B 152 15.19 -1.66 11.15
C THR B 152 15.11 -3.13 11.57
N LEU B 153 14.06 -3.80 11.15
CA LEU B 153 13.87 -5.21 11.44
C LEU B 153 14.86 -6.09 10.69
N VAL B 154 15.12 -5.77 9.42
CA VAL B 154 16.04 -6.58 8.60
C VAL B 154 17.46 -6.54 9.14
N ALA B 155 17.94 -5.32 9.38
CA ALA B 155 19.24 -5.12 10.00
C ALA B 155 19.34 -5.85 11.35
N LEU B 156 18.26 -5.80 12.14
CA LEU B 156 18.27 -6.43 13.44
C LEU B 156 18.40 -7.93 13.30
N LEU B 157 17.53 -8.52 12.50
CA LEU B 157 17.59 -9.96 12.27
C LEU B 157 18.98 -10.34 11.76
N ALA B 158 19.49 -9.58 10.81
CA ALA B 158 20.82 -9.84 10.29
C ALA B 158 21.85 -9.79 11.42
N ALA B 159 21.78 -8.75 12.26
CA ALA B 159 22.72 -8.61 13.37
C ALA B 159 22.61 -9.79 14.30
N ARG B 160 21.38 -10.18 14.61
CA ARG B 160 21.13 -11.34 15.47
C ARG B 160 21.70 -12.63 14.91
N THR B 161 21.45 -12.90 13.63
CA THR B 161 21.94 -14.14 13.04
C THR B 161 23.45 -14.15 13.21
N LYS B 162 24.02 -12.97 12.99
CA LYS B 162 25.47 -12.83 12.94
C LYS B 162 26.12 -13.14 14.27
N VAL B 163 25.65 -12.50 15.35
CA VAL B 163 26.21 -12.72 16.68
C VAL B 163 26.07 -14.19 17.11
N ILE B 164 24.92 -14.80 16.85
CA ILE B 164 24.68 -16.21 17.15
C ILE B 164 25.74 -17.14 16.52
N HIS B 165 26.01 -16.96 15.22
CA HIS B 165 27.06 -17.72 14.53
C HIS B 165 28.43 -17.52 15.17
N ARG B 166 28.71 -16.29 15.61
CA ARG B 166 30.02 -15.93 16.15
C ARG B 166 30.22 -16.53 17.52
N LEU B 167 29.15 -16.48 18.30
CA LEU B 167 29.16 -16.96 19.66
C LEU B 167 29.14 -18.46 19.74
N GLN B 168 28.45 -19.10 18.80
CA GLN B 168 28.39 -20.57 18.70
C GLN B 168 29.66 -21.18 18.09
N ALA B 169 30.37 -20.38 17.30
CA ALA B 169 31.69 -20.77 16.80
C ALA B 169 32.69 -20.78 17.96
N ALA B 170 32.59 -19.78 18.84
CA ALA B 170 33.46 -19.67 20.00
C ALA B 170 33.19 -20.79 20.96
N SER B 171 31.91 -20.96 21.32
CA SER B 171 31.51 -22.10 22.12
C SER B 171 30.41 -22.91 21.45
N PRO B 172 30.77 -24.08 20.87
CA PRO B 172 29.79 -24.96 20.24
C PRO B 172 28.72 -25.41 21.23
N GLU B 173 29.01 -25.27 22.53
CA GLU B 173 28.13 -25.79 23.59
C GLU B 173 26.78 -25.06 23.69
N LEU B 174 26.82 -23.72 23.58
CA LEU B 174 25.65 -22.86 23.74
C LEU B 174 24.53 -23.15 22.75
N THR B 175 23.30 -22.98 23.22
CA THR B 175 22.16 -23.10 22.34
C THR B 175 21.68 -21.76 21.86
N GLN B 176 21.28 -21.75 20.60
CA GLN B 176 20.60 -20.62 19.97
C GLN B 176 19.62 -19.93 20.93
N ALA B 177 18.81 -20.72 21.63
CA ALA B 177 17.82 -20.16 22.56
C ALA B 177 18.49 -19.50 23.75
N ALA B 178 19.61 -20.10 24.18
CA ALA B 178 20.33 -19.63 25.34
C ALA B 178 20.90 -18.27 25.05
N ILE B 179 21.40 -18.10 23.84
CA ILE B 179 21.97 -16.83 23.42
C ILE B 179 20.91 -15.74 23.34
N MET B 180 19.74 -16.08 22.80
CA MET B 180 18.71 -15.10 22.52
C MET B 180 18.18 -14.40 23.76
N GLU B 181 17.93 -15.17 24.83
CA GLU B 181 17.51 -14.58 26.13
C GLU B 181 18.46 -13.49 26.64
N LYS B 182 19.72 -13.56 26.24
CA LYS B 182 20.76 -12.66 26.74
C LYS B 182 21.09 -11.47 25.84
N LEU B 183 20.59 -11.50 24.61
CA LEU B 183 20.85 -10.46 23.63
C LEU B 183 20.21 -9.12 23.99
N VAL B 184 21.00 -8.05 23.94
CA VAL B 184 20.49 -6.68 24.12
C VAL B 184 20.67 -5.83 22.87
N ALA B 185 19.71 -4.96 22.61
CA ALA B 185 19.86 -3.94 21.57
C ALA B 185 19.72 -2.58 22.21
N TYR B 186 20.30 -1.56 21.57
CA TYR B 186 20.23 -0.20 22.10
C TYR B 186 19.79 0.86 21.11
N SER B 187 19.24 1.94 21.66
CA SER B 187 18.86 3.09 20.88
C SER B 187 18.77 4.26 21.86
N SER B 188 18.75 5.46 21.30
CA SER B 188 18.71 6.68 22.08
C SER B 188 17.33 6.78 22.68
N ASP B 189 17.21 7.60 23.71
CA ASP B 189 15.95 7.75 24.38
C ASP B 189 14.97 8.24 23.33
N GLN B 190 15.46 9.07 22.41
CA GLN B 190 14.57 9.65 21.43
C GLN B 190 14.38 8.75 20.19
N ALA B 191 14.83 7.49 20.27
CA ALA B 191 14.64 6.55 19.16
C ALA B 191 13.16 6.36 18.81
N HIS B 192 12.93 6.12 17.52
CA HIS B 192 11.59 6.01 16.94
C HIS B 192 10.91 4.72 17.37
N SER B 193 9.60 4.82 17.59
CA SER B 193 8.76 3.67 17.86
C SER B 193 9.18 2.41 17.08
N SER B 194 9.65 2.59 15.85
CA SER B 194 9.95 1.49 14.94
C SER B 194 11.11 0.59 15.42
N VAL B 195 11.91 1.12 16.35
CA VAL B 195 12.91 0.30 17.03
C VAL B 195 12.31 -0.64 18.07
N GLU B 196 11.44 -0.15 18.96
CA GLU B 196 10.77 -1.01 19.93
C GLU B 196 10.12 -2.17 19.20
N ARG B 197 9.35 -1.84 18.16
CA ARG B 197 8.66 -2.84 17.34
C ARG B 197 9.63 -3.88 16.76
N ALA B 198 10.78 -3.42 16.28
CA ALA B 198 11.79 -4.33 15.72
C ALA B 198 12.25 -5.38 16.71
N GLY B 199 12.49 -4.97 17.96
CA GLY B 199 13.02 -5.86 18.99
C GLY B 199 11.94 -6.76 19.56
N LEU B 200 10.75 -6.19 19.73
CA LEU B 200 9.60 -6.97 20.08
C LEU B 200 9.45 -8.13 19.10
N ILE B 201 9.36 -7.81 17.81
CA ILE B 201 9.17 -8.81 16.76
C ILE B 201 10.38 -9.72 16.62
N GLY B 202 11.57 -9.19 16.87
CA GLY B 202 12.80 -9.96 16.74
C GLY B 202 13.19 -10.78 17.96
N GLY B 203 12.53 -10.52 19.09
CA GLY B 203 12.66 -11.43 20.23
C GLY B 203 13.85 -11.18 21.13
N VAL B 204 14.27 -9.92 21.19
CA VAL B 204 15.42 -9.52 21.99
C VAL B 204 15.06 -8.34 22.93
N LYS B 205 15.90 -8.09 23.92
CA LYS B 205 15.65 -6.98 24.84
C LYS B 205 16.18 -5.67 24.29
N LEU B 206 15.32 -4.65 24.37
CA LEU B 206 15.65 -3.32 23.91
C LEU B 206 15.78 -2.37 25.09
N LYS B 207 16.92 -1.68 25.16
CA LYS B 207 17.19 -0.69 26.19
C LYS B 207 17.53 0.66 25.59
N ALA B 208 16.92 1.70 26.14
CA ALA B 208 17.22 3.08 25.78
C ALA B 208 18.52 3.54 26.43
N ILE B 209 19.31 4.29 25.67
CA ILE B 209 20.47 5.00 26.17
C ILE B 209 20.07 6.44 26.51
N PRO B 210 20.41 6.91 27.74
CA PRO B 210 20.22 8.31 28.10
C PRO B 210 20.93 9.25 27.13
N SER B 211 20.18 10.16 26.54
CA SER B 211 20.76 11.13 25.63
C SER B 211 21.28 12.33 26.41
N ASP B 212 22.20 13.07 25.80
CA ASP B 212 22.86 14.22 26.44
C ASP B 212 21.96 15.48 26.50
N GLY B 213 22.58 16.65 26.72
CA GLY B 213 21.85 17.92 26.76
C GLY B 213 21.20 18.34 25.45
N ASN B 214 21.62 17.74 24.34
CA ASN B 214 21.07 18.09 23.04
C ASN B 214 20.33 16.92 22.45
N PHE B 215 20.03 15.94 23.31
CA PHE B 215 19.29 14.73 22.92
C PHE B 215 20.04 13.79 21.99
N ALA B 216 21.37 13.85 22.06
CA ALA B 216 22.25 12.96 21.29
C ALA B 216 22.87 11.89 22.17
N MET B 217 23.18 10.75 21.56
CA MET B 217 23.85 9.67 22.22
C MET B 217 25.32 9.98 22.19
N ARG B 218 25.93 9.97 23.36
CA ARG B 218 27.27 10.51 23.51
C ARG B 218 28.26 9.54 24.08
N ALA B 219 28.09 8.25 23.88
CA ALA B 219 29.15 7.35 24.28
C ALA B 219 29.35 7.04 25.74
N SER B 220 29.57 8.08 26.54
CA SER B 220 29.78 7.88 27.94
C SER B 220 28.55 7.24 28.51
N ALA B 221 27.41 7.63 27.96
CA ALA B 221 26.12 7.08 28.37
C ALA B 221 25.96 5.68 27.74
N LEU B 222 26.51 5.53 26.54
CA LEU B 222 26.64 4.25 25.88
C LEU B 222 27.60 3.29 26.60
N GLN B 223 28.79 3.75 26.97
CA GLN B 223 29.81 2.87 27.53
C GLN B 223 29.31 2.31 28.87
N GLU B 224 28.70 3.18 29.67
CA GLU B 224 28.09 2.79 30.92
C GLU B 224 27.06 1.70 30.73
N ALA B 225 26.20 1.91 29.75
CA ALA B 225 25.16 0.94 29.49
C ALA B 225 25.81 -0.38 29.14
N LEU B 226 26.90 -0.32 28.39
CA LEU B 226 27.58 -1.55 28.02
C LEU B 226 28.19 -2.21 29.26
N GLU B 227 28.85 -1.42 30.10
CA GLU B 227 29.43 -1.98 31.32
C GLU B 227 28.37 -2.62 32.22
N ARG B 228 27.27 -1.91 32.45
CA ARG B 228 26.14 -2.43 33.25
C ARG B 228 25.63 -3.77 32.70
N ASP B 229 25.63 -3.92 31.38
CA ASP B 229 24.99 -5.07 30.76
C ASP B 229 25.89 -6.27 30.55
N LYS B 230 27.14 -6.01 30.16
CA LYS B 230 28.08 -7.09 29.95
C LYS B 230 28.30 -7.86 31.25
N ALA B 231 28.22 -7.12 32.36
CA ALA B 231 28.48 -7.64 33.70
C ALA B 231 27.26 -8.27 34.37
N ALA B 232 26.05 -7.96 33.88
CA ALA B 232 24.85 -8.69 34.28
C ALA B 232 24.64 -9.91 33.37
N GLY B 233 25.70 -10.29 32.66
CA GLY B 233 25.68 -11.47 31.81
C GLY B 233 24.82 -11.34 30.55
N LEU B 234 24.47 -10.12 30.18
CA LEU B 234 23.75 -9.92 28.94
C LEU B 234 24.75 -9.74 27.84
N ILE B 235 24.25 -9.69 26.61
CA ILE B 235 25.09 -9.53 25.43
C ILE B 235 24.58 -8.41 24.52
N PRO B 236 25.30 -7.26 24.47
CA PRO B 236 25.00 -6.31 23.40
C PRO B 236 25.37 -6.94 22.06
N PHE B 237 24.51 -6.73 21.06
CA PHE B 237 24.75 -7.22 19.69
C PHE B 237 24.36 -6.20 18.59
N PHE B 238 23.46 -5.27 18.92
CA PHE B 238 22.84 -4.45 17.90
C PHE B 238 22.56 -3.08 18.45
N MET B 239 22.80 -2.06 17.63
CA MET B 239 22.41 -0.73 18.02
C MET B 239 21.97 0.18 16.89
N VAL B 240 20.87 0.89 17.15
CA VAL B 240 20.41 1.97 16.31
C VAL B 240 20.90 3.33 16.81
N ALA B 241 21.73 3.99 16.01
CA ALA B 241 22.06 5.40 16.21
C ALA B 241 21.17 6.25 15.32
N THR B 242 20.38 7.14 15.92
CA THR B 242 19.51 8.00 15.15
C THR B 242 20.18 9.28 14.66
N LEU B 243 19.97 9.57 13.40
CA LEU B 243 20.38 10.84 12.84
C LEU B 243 19.09 11.55 12.52
N GLY B 244 18.85 12.72 13.10
CA GLY B 244 17.61 13.47 12.86
C GLY B 244 16.35 12.92 13.50
N THR B 245 16.28 12.95 14.82
CA THR B 245 15.19 12.29 15.54
C THR B 245 13.82 12.90 15.17
N THR B 246 12.73 12.16 15.41
CA THR B 246 11.39 12.64 15.07
C THR B 246 10.87 13.60 16.14
N THR B 247 11.37 13.50 17.38
CA THR B 247 10.96 14.42 18.43
C THR B 247 11.46 15.83 18.13
N CYS B 248 12.77 15.96 17.96
CA CYS B 248 13.45 17.19 17.59
C CYS B 248 14.49 16.78 16.55
N CYS B 249 15.16 17.70 15.87
CA CYS B 249 16.20 17.22 14.98
C CYS B 249 17.45 16.97 15.74
N SER B 250 17.51 15.83 16.39
CA SER B 250 18.62 15.52 17.23
C SER B 250 19.52 14.58 16.47
N PHE B 251 20.83 14.79 16.56
CA PHE B 251 21.73 13.90 15.88
C PHE B 251 22.62 13.23 16.88
N ASP B 252 22.51 11.91 16.94
CA ASP B 252 23.43 11.06 17.67
C ASP B 252 24.83 11.17 17.10
N ASN B 253 25.77 11.52 17.96
CA ASN B 253 27.16 11.67 17.60
C ASN B 253 27.76 10.36 17.09
N LEU B 254 27.82 10.23 15.77
CA LEU B 254 28.26 8.99 15.13
C LEU B 254 29.74 8.66 15.34
N LEU B 255 30.52 9.67 15.71
CA LEU B 255 31.97 9.54 15.77
C LEU B 255 32.40 8.95 17.07
N GLU B 256 31.58 9.15 18.09
CA GLU B 256 31.87 8.57 19.38
C GLU B 256 31.28 7.17 19.44
N VAL B 257 30.06 7.03 18.90
CA VAL B 257 29.30 5.79 19.02
C VAL B 257 29.81 4.68 18.12
N GLY B 258 30.24 5.00 16.90
CA GLY B 258 30.74 4.01 15.96
C GLY B 258 31.97 3.24 16.43
N PRO B 259 33.02 3.97 16.86
CA PRO B 259 34.23 3.33 17.37
C PRO B 259 33.99 2.33 18.52
N ILE B 260 32.96 2.56 19.33
CA ILE B 260 32.58 1.65 20.40
C ILE B 260 31.95 0.39 19.80
N CYS B 261 31.03 0.59 18.87
CA CYS B 261 30.34 -0.51 18.22
C CYS B 261 31.33 -1.44 17.55
N ASN B 262 32.31 -0.88 16.83
CA ASN B 262 33.36 -1.73 16.26
C ASN B 262 34.09 -2.56 17.29
N LYS B 263 34.42 -1.94 18.43
CA LYS B 263 35.21 -2.61 19.46
C LYS B 263 34.39 -3.72 20.14
N GLU B 264 33.11 -3.46 20.34
CA GLU B 264 32.29 -4.37 21.12
C GLU B 264 31.54 -5.38 20.27
N ASP B 265 31.87 -5.46 18.98
CA ASP B 265 31.13 -6.31 18.01
C ASP B 265 29.62 -5.98 17.95
N ILE B 266 29.25 -4.75 18.24
CA ILE B 266 27.86 -4.37 18.17
C ILE B 266 27.61 -3.98 16.73
N TRP B 267 26.48 -4.42 16.18
CA TRP B 267 26.07 -4.01 14.84
C TRP B 267 25.48 -2.59 14.83
N LEU B 268 26.10 -1.68 14.10
CA LEU B 268 25.65 -0.30 14.05
C LEU B 268 24.72 -0.01 12.86
N HIS B 269 23.45 0.25 13.18
CA HIS B 269 22.47 0.60 12.17
C HIS B 269 22.22 2.08 12.30
N VAL B 270 22.32 2.80 11.20
CA VAL B 270 22.00 4.23 11.23
C VAL B 270 20.60 4.54 10.68
N ASP B 271 19.74 4.99 11.57
CA ASP B 271 18.43 5.40 11.17
C ASP B 271 18.44 6.90 10.94
N ALA B 272 18.42 7.29 9.67
CA ALA B 272 18.66 8.67 9.29
C ALA B 272 17.33 9.36 9.11
N ALA B 273 16.27 8.67 9.51
CA ALA B 273 14.91 9.22 9.51
C ALA B 273 14.60 9.87 8.20
N TYR B 274 14.01 11.05 8.26
CA TYR B 274 13.83 11.87 7.07
C TYR B 274 15.05 12.77 6.83
N ALA B 275 15.76 13.10 7.90
CA ALA B 275 16.91 14.00 7.80
C ALA B 275 17.97 13.59 6.76
N GLY B 276 18.15 12.29 6.57
CA GLY B 276 19.13 11.77 5.63
C GLY B 276 19.23 12.49 4.29
N SER B 277 18.09 12.98 3.80
CA SER B 277 17.99 13.70 2.53
C SER B 277 18.85 14.94 2.55
N ALA B 278 18.98 15.54 3.74
CA ALA B 278 19.72 16.76 3.89
C ALA B 278 21.21 16.65 3.58
N PHE B 279 21.74 15.43 3.66
CA PHE B 279 23.14 15.15 3.34
C PHE B 279 23.49 15.25 1.85
N ILE B 280 22.53 15.60 1.01
CA ILE B 280 22.85 15.99 -0.36
C ILE B 280 23.33 17.43 -0.37
N CYS B 281 23.10 18.14 0.73
CA CYS B 281 23.68 19.46 0.97
C CYS B 281 24.94 19.38 1.83
N PRO B 282 26.05 19.99 1.39
CA PRO B 282 27.33 19.98 2.09
C PRO B 282 27.31 20.48 3.54
N GLU B 283 26.58 21.57 3.81
CA GLU B 283 26.45 22.09 5.18
C GLU B 283 26.10 21.04 6.24
N PHE B 284 25.55 19.90 5.83
CA PHE B 284 25.05 18.93 6.78
C PHE B 284 25.82 17.63 6.80
N ARG B 285 26.73 17.45 5.85
CA ARG B 285 27.40 16.17 5.74
C ARG B 285 28.18 15.82 7.00
N HIS B 286 28.55 16.81 7.81
CA HIS B 286 29.35 16.56 8.99
C HIS B 286 28.56 15.80 10.04
N LEU B 287 27.24 15.90 9.94
CA LEU B 287 26.35 15.18 10.83
C LEU B 287 26.41 13.71 10.51
N LEU B 288 27.00 13.38 9.36
CA LEU B 288 27.05 12.00 8.87
C LEU B 288 28.44 11.41 9.06
N ASN B 289 29.44 12.24 9.37
CA ASN B 289 30.76 11.71 9.67
C ASN B 289 30.63 10.57 10.66
N GLY B 290 31.19 9.42 10.32
CA GLY B 290 31.10 8.27 11.21
C GLY B 290 30.36 7.12 10.56
N VAL B 291 29.67 7.41 9.47
CA VAL B 291 29.00 6.40 8.67
C VAL B 291 29.93 5.25 8.29
N GLU B 292 31.23 5.53 8.24
CA GLU B 292 32.24 4.50 8.00
C GLU B 292 32.00 3.27 8.87
N PHE B 293 31.63 3.50 10.12
CA PHE B 293 31.52 2.41 11.07
C PHE B 293 30.23 1.63 10.91
N ALA B 294 29.20 2.31 10.43
CA ALA B 294 27.89 1.72 10.39
C ALA B 294 27.77 0.57 9.44
N ASP B 295 27.01 -0.43 9.86
CA ASP B 295 26.75 -1.64 9.06
C ASP B 295 25.58 -1.50 8.12
N SER B 296 24.61 -0.68 8.50
CA SER B 296 23.43 -0.44 7.69
C SER B 296 22.98 1.00 7.87
N PHE B 297 22.34 1.53 6.85
CA PHE B 297 21.95 2.91 6.89
C PHE B 297 20.60 2.99 6.24
N ASN B 298 19.63 3.54 6.97
CA ASN B 298 18.27 3.70 6.47
C ASN B 298 17.80 5.15 6.54
N PHE B 299 17.12 5.60 5.50
CA PHE B 299 16.35 6.85 5.60
C PHE B 299 15.13 6.86 4.68
N ASN B 300 14.16 7.73 4.96
CA ASN B 300 13.02 7.94 4.08
C ASN B 300 13.20 9.20 3.28
N PRO B 301 13.37 9.04 1.97
CA PRO B 301 13.63 10.19 1.10
C PRO B 301 12.41 11.05 0.89
N HIS B 302 11.23 10.57 1.26
CA HIS B 302 10.00 11.26 0.92
C HIS B 302 9.94 12.75 1.31
N LYS B 303 10.32 13.08 2.54
CA LYS B 303 10.08 14.42 3.12
C LYS B 303 10.86 15.58 2.49
N TRP B 304 12.10 15.33 2.11
CA TRP B 304 12.94 16.38 1.57
C TRP B 304 13.33 16.16 0.11
N LEU B 305 13.13 14.96 -0.41
CA LEU B 305 13.47 14.66 -1.80
C LEU B 305 12.23 14.50 -2.67
N LEU B 306 11.07 14.64 -2.05
CA LEU B 306 9.83 14.82 -2.77
C LEU B 306 9.38 13.56 -3.50
N VAL B 307 10.07 12.48 -3.18
CA VAL B 307 9.77 11.17 -3.75
C VAL B 307 8.50 10.65 -3.08
N ASN B 308 8.07 9.44 -3.43
CA ASN B 308 6.90 8.82 -2.83
C ASN B 308 7.15 8.26 -1.41
N PHE B 309 6.12 8.29 -0.58
CA PHE B 309 6.18 7.86 0.80
C PHE B 309 6.38 6.38 0.93
N ASP B 310 6.01 5.70 -0.13
CA ASP B 310 6.02 4.27 -0.19
C ASP B 310 7.44 3.77 -0.05
N CYS B 311 8.40 4.66 -0.21
CA CYS B 311 9.79 4.26 -0.26
C CYS B 311 10.69 4.63 0.92
N SER B 312 11.24 3.61 1.56
CA SER B 312 12.26 3.73 2.60
C SER B 312 13.59 3.11 2.16
N ALA B 313 14.57 3.97 1.87
CA ALA B 313 15.83 3.55 1.26
C ALA B 313 16.78 2.97 2.28
N MET B 314 17.40 1.84 1.98
CA MET B 314 18.31 1.21 2.94
C MET B 314 19.50 0.50 2.37
N TRP B 315 20.68 0.78 2.91
CA TRP B 315 21.92 0.16 2.48
C TRP B 315 22.59 -0.64 3.59
N VAL B 316 23.51 -1.51 3.18
CA VAL B 316 24.30 -2.35 4.06
C VAL B 316 25.75 -2.31 3.64
N LYS B 317 26.66 -2.60 4.57
CA LYS B 317 28.07 -2.70 4.24
C LYS B 317 28.41 -4.00 3.57
N LYS B 318 27.67 -5.06 3.89
CA LYS B 318 27.91 -6.33 3.23
C LYS B 318 26.66 -7.03 2.72
N ARG B 319 26.56 -7.16 1.39
CA ARG B 319 25.35 -7.70 0.80
C ARG B 319 25.00 -9.10 1.35
N THR B 320 26.03 -9.87 1.74
CA THR B 320 25.86 -11.26 2.19
C THR B 320 25.12 -11.40 3.51
N ASP B 321 25.33 -10.44 4.41
CA ASP B 321 24.62 -10.43 5.72
C ASP B 321 23.12 -10.48 5.51
N LEU B 322 22.67 -9.77 4.48
CA LEU B 322 21.27 -9.62 4.18
C LEU B 322 20.84 -10.72 3.20
N ARG B 356 5.27 -2.57 -5.91
CA ARG B 356 4.82 -1.28 -6.44
C ARG B 356 5.93 -0.58 -7.26
N PHE B 357 5.54 0.09 -8.34
CA PHE B 357 6.50 0.62 -9.32
C PHE B 357 7.12 1.92 -8.82
N ARG B 358 8.08 1.76 -7.93
CA ARG B 358 8.49 2.82 -7.01
C ARG B 358 9.72 3.59 -7.45
N SER B 359 10.59 2.93 -8.20
CA SER B 359 11.82 3.56 -8.63
C SER B 359 11.52 4.51 -9.77
N LEU B 360 10.41 4.27 -10.44
CA LEU B 360 9.92 5.17 -11.45
C LEU B 360 9.63 6.58 -10.91
N LYS B 361 9.05 6.67 -9.71
CA LYS B 361 8.80 7.99 -9.12
C LYS B 361 10.10 8.65 -8.66
N MET B 362 11.01 7.86 -8.11
CA MET B 362 12.34 8.35 -7.79
C MET B 362 12.98 8.96 -9.01
N TRP B 363 12.87 8.26 -10.13
CA TRP B 363 13.53 8.62 -11.37
C TRP B 363 12.95 9.95 -11.82
N PHE B 364 11.63 10.01 -11.94
CA PHE B 364 10.98 11.26 -12.28
C PHE B 364 11.44 12.39 -11.36
N VAL B 365 11.27 12.23 -10.06
CA VAL B 365 11.53 13.36 -9.19
C VAL B 365 12.97 13.80 -9.24
N PHE B 366 13.90 12.86 -9.30
CA PHE B 366 15.32 13.25 -9.36
C PHE B 366 15.60 13.98 -10.63
N ARG B 367 14.97 13.52 -11.71
CA ARG B 367 15.27 14.03 -13.04
C ARG B 367 14.64 15.39 -13.29
N MET B 368 13.53 15.63 -12.60
CA MET B 368 12.77 16.85 -12.81
C MET B 368 13.19 18.00 -11.90
N TYR B 369 13.92 17.70 -10.84
CA TYR B 369 14.42 18.77 -9.99
C TYR B 369 15.92 18.99 -10.19
N GLY B 370 16.62 17.92 -10.56
CA GLY B 370 18.06 17.86 -10.44
C GLY B 370 18.53 17.90 -8.99
N VAL B 371 19.77 17.49 -8.76
CA VAL B 371 20.37 17.58 -7.43
C VAL B 371 20.30 19.02 -6.92
N LYS B 372 20.71 19.97 -7.75
CA LYS B 372 20.77 21.37 -7.33
C LYS B 372 19.36 21.87 -6.97
N GLY B 373 18.38 21.52 -7.78
CA GLY B 373 16.99 21.86 -7.47
C GLY B 373 16.60 21.32 -6.11
N LEU B 374 16.84 20.03 -5.91
CA LEU B 374 16.57 19.40 -4.61
C LEU B 374 17.36 20.05 -3.48
N GLN B 375 18.59 20.46 -3.77
CA GLN B 375 19.40 21.14 -2.76
C GLN B 375 18.74 22.46 -2.48
N ALA B 376 18.40 23.17 -3.56
CA ALA B 376 17.77 24.48 -3.44
C ALA B 376 16.57 24.33 -2.55
N TYR B 377 15.88 23.22 -2.74
CA TYR B 377 14.68 22.95 -2.00
C TYR B 377 14.87 22.84 -0.48
N ILE B 378 15.61 21.84 -0.01
CA ILE B 378 15.97 21.79 1.42
C ILE B 378 16.44 23.17 1.88
N ARG B 379 17.39 23.73 1.15
CA ARG B 379 18.02 24.95 1.56
C ARG B 379 17.02 26.03 1.85
N LYS B 380 15.97 26.12 1.03
CA LYS B 380 14.90 27.11 1.20
C LYS B 380 14.15 26.96 2.53
N HIS B 381 13.93 25.71 2.93
CA HIS B 381 13.17 25.40 4.10
C HIS B 381 13.96 25.62 5.37
N VAL B 382 15.26 25.35 5.30
CA VAL B 382 16.17 25.55 6.43
C VAL B 382 16.23 27.03 6.77
N GLN B 383 16.12 27.84 5.74
CA GLN B 383 16.19 29.25 5.86
C GLN B 383 14.88 29.79 6.47
N LEU B 384 13.77 29.13 6.14
CA LEU B 384 12.46 29.54 6.64
C LEU B 384 12.31 29.09 8.07
N SER B 385 12.97 27.99 8.36
CA SER B 385 13.00 27.48 9.69
C SER B 385 13.77 28.42 10.61
N HIS B 386 14.89 28.95 10.11
CA HIS B 386 15.72 29.86 10.89
C HIS B 386 15.10 31.25 10.99
N GLU B 387 14.26 31.57 10.01
CA GLU B 387 13.49 32.79 9.99
C GLU B 387 12.45 32.74 11.08
N PHE B 388 11.87 31.56 11.29
CA PHE B 388 10.91 31.37 12.35
C PHE B 388 11.61 31.44 13.69
N GLU B 389 12.78 30.81 13.74
CA GLU B 389 13.57 30.74 14.95
C GLU B 389 13.89 32.15 15.40
N SER B 390 14.23 33.02 14.43
CA SER B 390 14.56 34.41 14.72
C SER B 390 13.43 35.07 15.48
N LEU B 391 12.22 34.76 15.01
CA LEU B 391 11.00 35.33 15.53
C LEU B 391 10.79 34.92 16.96
N VAL B 392 11.02 33.63 17.24
CA VAL B 392 10.93 33.11 18.59
C VAL B 392 12.01 33.64 19.54
N ARG B 393 13.20 33.91 19.06
CA ARG B 393 14.20 34.48 19.97
C ARG B 393 13.85 35.90 20.37
N GLN B 394 13.22 36.63 19.47
CA GLN B 394 12.83 38.01 19.72
C GLN B 394 11.65 38.20 20.67
N ASP B 395 10.90 37.14 20.93
CA ASP B 395 9.82 37.23 21.89
C ASP B 395 10.26 36.55 23.17
N PRO B 396 10.48 37.34 24.24
CA PRO B 396 11.00 36.76 25.47
C PRO B 396 10.03 35.81 26.15
N ARG B 397 8.77 35.77 25.74
CA ARG B 397 7.82 34.85 26.35
C ARG B 397 8.10 33.42 25.93
N PHE B 398 8.73 33.27 24.77
CA PHE B 398 9.01 31.97 24.20
C PHE B 398 10.48 31.60 24.31
N GLU B 399 10.74 30.30 24.46
CA GLU B 399 12.10 29.76 24.44
C GLU B 399 12.27 28.70 23.35
N ILE B 400 13.49 28.52 22.88
CA ILE B 400 13.77 27.42 21.96
C ILE B 400 14.43 26.26 22.69
N CYS B 401 14.01 25.04 22.41
CA CYS B 401 14.41 23.90 23.23
C CYS B 401 15.61 23.09 22.70
N VAL B 402 15.73 23.01 21.39
CA VAL B 402 16.80 22.23 20.78
C VAL B 402 17.36 23.06 19.66
N GLU B 403 18.65 22.90 19.39
CA GLU B 403 19.27 23.56 18.25
C GLU B 403 18.46 23.30 16.98
N VAL B 404 18.23 24.33 16.19
CA VAL B 404 17.52 24.19 14.95
C VAL B 404 18.53 23.85 13.88
N ILE B 405 18.37 22.70 13.26
CA ILE B 405 19.28 22.31 12.21
C ILE B 405 18.58 22.33 10.87
N LEU B 406 17.39 21.75 10.83
CA LEU B 406 16.62 21.66 9.61
C LEU B 406 15.31 22.40 9.76
N GLY B 407 14.31 21.91 9.05
CA GLY B 407 12.98 22.50 8.97
C GLY B 407 12.22 22.65 10.27
N LEU B 408 12.35 21.68 11.14
CA LEU B 408 11.67 21.70 12.43
C LEU B 408 12.26 22.66 13.47
N VAL B 409 11.38 23.35 14.17
CA VAL B 409 11.75 24.23 15.29
C VAL B 409 10.99 23.78 16.51
N CYS B 410 11.73 23.36 17.54
CA CYS B 410 11.13 22.98 18.83
C CYS B 410 11.12 24.14 19.78
N PHE B 411 9.93 24.68 20.00
CA PHE B 411 9.81 25.90 20.79
C PHE B 411 8.63 25.79 21.71
N ARG B 412 8.64 26.61 22.75
CA ARG B 412 7.49 26.65 23.64
C ARG B 412 7.41 27.95 24.39
N LEU B 413 6.28 28.17 25.03
CA LEU B 413 6.10 29.32 25.88
C LEU B 413 6.76 28.99 27.19
N LYS B 414 7.60 29.89 27.71
CA LYS B 414 8.20 29.71 29.03
C LYS B 414 7.14 29.59 30.11
N GLY B 415 7.23 28.55 30.92
CA GLY B 415 6.27 28.34 32.01
C GLY B 415 5.97 26.88 32.22
N SER B 416 4.78 26.57 32.71
CA SER B 416 4.37 25.19 32.91
C SER B 416 3.95 24.54 31.60
N ASN B 417 4.06 23.21 31.54
CA ASN B 417 3.46 22.43 30.47
C ASN B 417 1.98 22.82 30.30
N LYS B 418 1.26 22.95 31.41
CA LYS B 418 -0.13 23.40 31.37
C LYS B 418 -0.29 24.55 30.38
N VAL B 419 0.44 25.64 30.62
CA VAL B 419 0.35 26.82 29.76
C VAL B 419 0.44 26.45 28.29
N ASN B 420 1.33 25.53 27.97
CA ASN B 420 1.61 25.21 26.60
C ASN B 420 0.58 24.27 26.01
N GLU B 421 0.12 23.31 26.81
CA GLU B 421 -0.99 22.46 26.39
C GLU B 421 -2.17 23.36 26.09
N ALA B 422 -2.43 24.31 26.99
CA ALA B 422 -3.48 25.30 26.80
C ALA B 422 -3.36 25.94 25.43
N LEU B 423 -2.14 26.34 25.06
CA LEU B 423 -1.91 27.08 23.82
C LEU B 423 -2.15 26.26 22.54
N LEU B 424 -1.58 25.06 22.48
CA LEU B 424 -1.72 24.21 21.30
C LEU B 424 -3.19 23.93 21.04
N GLN B 425 -3.96 23.88 22.13
CA GLN B 425 -5.41 23.70 22.05
C GLN B 425 -6.06 24.85 21.30
N ARG B 426 -5.71 26.09 21.66
CA ARG B 426 -6.28 27.29 21.01
C ARG B 426 -5.92 27.40 19.53
N ILE B 427 -4.69 27.00 19.19
CA ILE B 427 -4.20 26.99 17.80
C ILE B 427 -4.98 26.03 16.89
N ASN B 428 -5.20 24.81 17.39
CA ASN B 428 -6.04 23.82 16.72
C ASN B 428 -7.51 24.17 16.73
N SER B 429 -8.03 24.54 17.90
CA SER B 429 -9.42 25.04 18.02
C SER B 429 -9.74 26.02 16.90
N ALA B 430 -8.79 26.93 16.64
CA ALA B 430 -8.98 28.00 15.64
C ALA B 430 -8.95 27.51 14.19
N LYS B 431 -8.38 26.34 13.96
CA LYS B 431 -8.43 25.70 12.63
C LYS B 431 -7.78 26.57 11.54
N LYS B 432 -6.86 27.46 11.93
CA LYS B 432 -6.20 28.30 10.96
C LYS B 432 -4.82 27.76 10.56
N ILE B 433 -4.03 27.30 11.52
CA ILE B 433 -2.78 26.56 11.24
C ILE B 433 -2.80 25.22 11.98
N HIS B 434 -1.91 24.30 11.65
CA HIS B 434 -1.82 23.08 12.47
C HIS B 434 -0.42 22.72 12.92
N LEU B 435 -0.30 22.49 14.22
CA LEU B 435 0.97 22.11 14.83
C LEU B 435 0.77 20.85 15.64
N VAL B 436 1.79 20.01 15.71
CA VAL B 436 1.76 18.87 16.60
C VAL B 436 2.81 19.04 17.68
N PRO B 437 2.51 18.59 18.90
CA PRO B 437 3.44 18.66 20.01
C PRO B 437 4.22 17.36 20.24
N CYS B 438 5.17 17.42 21.17
CA CYS B 438 5.84 16.23 21.67
C CYS B 438 6.27 16.55 23.08
N HIS B 439 6.75 15.55 23.81
CA HIS B 439 7.45 15.79 25.05
C HIS B 439 8.96 15.67 24.85
N LEU B 440 9.71 16.37 25.69
CA LEU B 440 11.16 16.33 25.67
C LEU B 440 11.65 16.29 27.11
N ARG B 441 12.23 15.16 27.49
CA ARG B 441 12.26 14.76 28.89
C ARG B 441 10.81 14.74 29.34
N ASP B 442 10.48 15.59 30.31
CA ASP B 442 9.12 15.73 30.82
C ASP B 442 8.61 17.13 30.47
N LYS B 443 9.02 17.64 29.32
CA LYS B 443 8.64 18.97 28.92
C LYS B 443 7.77 18.96 27.66
N PHE B 444 6.65 19.67 27.70
CA PHE B 444 5.70 19.72 26.58
C PHE B 444 6.18 20.75 25.59
N VAL B 445 6.28 20.35 24.33
CA VAL B 445 6.95 21.16 23.33
C VAL B 445 6.12 21.31 22.06
N LEU B 446 6.04 22.53 21.56
CA LEU B 446 5.38 22.81 20.29
C LEU B 446 6.35 22.62 19.15
N ARG B 447 5.98 21.75 18.22
CA ARG B 447 6.78 21.55 17.02
C ARG B 447 6.23 22.41 15.89
N PHE B 448 7.06 23.33 15.42
CA PHE B 448 6.78 24.07 14.21
C PHE B 448 7.61 23.50 13.05
N ALA B 449 6.93 22.95 12.06
CA ALA B 449 7.59 22.12 11.08
C ALA B 449 7.37 22.69 9.71
N ILE B 450 8.42 23.20 9.05
CA ILE B 450 8.25 23.75 7.70
C ILE B 450 8.66 22.74 6.61
N CYS B 451 7.69 21.99 6.09
CA CYS B 451 7.89 20.84 5.20
C CYS B 451 7.17 20.97 3.87
N SER B 452 6.10 21.76 3.82
CA SER B 452 5.21 21.74 2.66
C SER B 452 5.87 22.38 1.44
N ARG B 453 5.51 21.92 0.25
CA ARG B 453 6.08 22.45 -0.99
C ARG B 453 5.83 23.94 -1.21
N THR B 454 4.69 24.43 -0.73
CA THR B 454 4.20 25.76 -1.10
C THR B 454 4.62 26.86 -0.14
N VAL B 455 5.22 26.47 0.99
CA VAL B 455 5.51 27.43 2.07
C VAL B 455 6.37 28.57 1.57
N GLU B 456 6.03 29.77 2.03
CA GLU B 456 6.84 30.97 1.84
C GLU B 456 6.95 31.65 3.19
N SER B 457 7.84 32.64 3.30
CA SER B 457 7.98 33.35 4.56
C SER B 457 6.75 34.18 4.93
N ALA B 458 6.10 34.78 3.93
CA ALA B 458 4.75 35.32 4.15
C ALA B 458 3.94 34.43 5.11
N HIS B 459 3.84 33.14 4.80
CA HIS B 459 3.03 32.21 5.59
C HIS B 459 3.57 32.10 7.03
N VAL B 460 4.89 31.90 7.15
CA VAL B 460 5.54 31.88 8.47
C VAL B 460 5.24 33.14 9.27
N GLN B 461 5.40 34.31 8.63
CA GLN B 461 5.06 35.61 9.22
C GLN B 461 3.64 35.62 9.80
N ARG B 462 2.67 35.29 8.96
CA ARG B 462 1.26 35.29 9.39
C ARG B 462 1.00 34.21 10.46
N ALA B 463 1.75 33.10 10.40
CA ALA B 463 1.59 31.98 11.33
C ALA B 463 2.08 32.34 12.71
N TRP B 464 3.29 32.89 12.77
CA TRP B 464 3.85 33.43 14.00
C TRP B 464 2.88 34.39 14.68
N GLU B 465 2.45 35.42 13.97
CA GLU B 465 1.56 36.44 14.49
C GLU B 465 0.29 35.88 15.13
N HIS B 466 -0.27 34.86 14.47
CA HIS B 466 -1.49 34.22 14.92
C HIS B 466 -1.21 33.52 16.23
N ILE B 467 -0.13 32.74 16.25
CA ILE B 467 0.36 32.08 17.46
C ILE B 467 0.58 33.11 18.55
N LYS B 468 1.06 34.28 18.11
CA LYS B 468 1.42 35.37 19.01
C LYS B 468 0.16 35.89 19.68
N GLU B 469 -0.86 36.14 18.88
CA GLU B 469 -2.15 36.65 19.36
C GLU B 469 -2.85 35.70 20.31
N LEU B 470 -2.76 34.40 20.01
CA LEU B 470 -3.43 33.40 20.82
C LEU B 470 -2.71 33.17 22.16
N ALA B 471 -1.39 33.35 22.16
CA ALA B 471 -0.61 33.35 23.40
C ALA B 471 -1.03 34.47 24.35
N ALA B 472 -1.16 35.67 23.78
CA ALA B 472 -1.71 36.82 24.49
C ALA B 472 -3.01 36.47 25.21
N ASP B 473 -3.94 35.88 24.45
CA ASP B 473 -5.20 35.41 24.99
C ASP B 473 -4.98 34.32 26.04
N VAL B 474 -4.08 33.38 25.75
CA VAL B 474 -3.80 32.29 26.67
C VAL B 474 -3.17 32.81 27.94
N LEU B 475 -2.32 33.82 27.81
CA LEU B 475 -1.57 34.35 28.93
C LEU B 475 -2.41 35.12 29.94
N ARG B 476 -3.38 35.90 29.46
CA ARG B 476 -4.39 36.48 30.34
C ARG B 476 -4.97 35.40 31.23
N ALA B 477 -5.43 34.32 30.62
CA ALA B 477 -6.10 33.25 31.33
C ALA B 477 -5.25 32.68 32.47
N GLU B 478 -3.97 32.43 32.20
CA GLU B 478 -3.06 31.91 33.23
C GLU B 478 -3.14 32.63 34.57
N ARG B 479 -3.19 33.96 34.53
CA ARG B 479 -3.27 34.77 35.73
C ARG B 479 -4.58 34.60 36.50
N GLU B 480 -5.58 33.98 35.88
CA GLU B 480 -6.86 33.70 36.55
C GLU B 480 -6.95 32.24 36.97
N1 PLP C . -10.08 -15.15 -3.28
C2 PLP C . -10.38 -15.45 -4.61
C2A PLP C . -11.38 -16.52 -4.93
C3 PLP C . -9.76 -14.76 -5.64
O3 PLP C . -10.07 -15.05 -6.94
C4 PLP C . -8.82 -13.77 -5.34
C4A PLP C . -8.16 -12.98 -6.44
O4A PLP C . -7.86 -11.78 -6.20
C5 PLP C . -8.51 -13.46 -4.02
C6 PLP C . -9.16 -14.16 -2.99
C5A PLP C . -7.50 -12.37 -3.70
O4P PLP C . -7.87 -11.12 -4.26
P PLP C . -6.91 -9.83 -4.08
O1P PLP C . -5.94 -9.79 -5.24
O2P PLP C . -6.19 -9.99 -2.76
O3P PLP C . -7.67 -8.51 -4.06
CL CL D . 13.65 15.88 9.20
CL CL E . 28.20 19.33 -3.11
#